data_6MRL
#
_entry.id   6MRL
#
_cell.length_a   1
_cell.length_b   1
_cell.length_c   1
_cell.angle_alpha   90.00
_cell.angle_beta   90.00
_cell.angle_gamma   90.00
#
_symmetry.space_group_name_H-M   'P 1'
#
loop_
_entity.id
_entity.type
_entity.pdbx_description
1 polymer p41
2 non-polymer 'CALCIUM ION'
#
_entity_poly.entity_id   1
_entity_poly.type   'polypeptide(L)'
_entity_poly.pdbx_seq_one_letter_code
;MEIARTNKNSVVKYVPAAVGAAYQMGKSIVPYAPTIVDALGNVVSRATGRKKKSKGKEVQNQIVGGIGAIAAPVSITKRV
RGMRPSFRQTKGKVHIVHRELVTSVINLVGNFRVNNNVSAQIGQFRINPSNSSLFTWLPTIASNFDSYRFTSIRFVYVPL
CATTETGRVSLFWDKDSQDPLPVDRAALSSYGHSNEGPPWAETTLNVPTDGKQRFVTDSNTTDRKLVDLGQFAFATYAGG
SNNQIGDIYVEYGVEFSEAQPAGGLTQYITKSVGATASTTGPSYVVDANINVNATTANVEFFSPGTFLITAVVYGSTIAS
PSMAGGNGTLIGDLPVVGGSNASIWTCVFSTTGVSTSVPTFTQAGTGLTRVQYTITRVNSQTAYQV
;
_entity_poly.pdbx_strand_id   A,B,D
#
# COMPACT_ATOMS: atom_id res chain seq x y z
N GLY A 92 -25.88 -14.11 -6.71
CA GLY A 92 -24.48 -14.51 -6.71
C GLY A 92 -23.77 -14.15 -5.43
N LYS A 93 -24.48 -14.22 -4.30
CA LYS A 93 -23.94 -13.92 -2.98
C LYS A 93 -24.27 -15.08 -2.06
N VAL A 94 -23.29 -15.94 -1.79
CA VAL A 94 -23.50 -16.98 -0.80
C VAL A 94 -23.49 -16.37 0.58
N HIS A 95 -23.98 -17.13 1.56
CA HIS A 95 -24.15 -16.61 2.90
C HIS A 95 -23.91 -17.73 3.89
N ILE A 96 -22.91 -17.58 4.75
CA ILE A 96 -22.46 -18.65 5.63
C ILE A 96 -22.55 -18.15 7.06
N VAL A 97 -23.17 -18.94 7.94
CA VAL A 97 -23.18 -18.69 9.37
C VAL A 97 -22.62 -19.92 10.08
N HIS A 98 -21.69 -19.71 10.99
CA HIS A 98 -20.90 -20.80 11.56
C HIS A 98 -20.17 -20.29 12.78
N ARG A 99 -19.78 -21.22 13.65
CA ARG A 99 -19.12 -20.91 14.91
C ARG A 99 -17.87 -21.77 15.06
N GLU A 100 -16.76 -21.17 15.45
CA GLU A 100 -15.49 -21.90 15.50
C GLU A 100 -14.52 -21.25 16.46
N LEU A 101 -13.40 -21.93 16.66
CA LEU A 101 -12.40 -21.61 17.67
C LEU A 101 -11.29 -20.74 17.08
N VAL A 102 -10.64 -19.97 17.94
CA VAL A 102 -9.48 -19.20 17.52
C VAL A 102 -8.21 -19.75 18.15
N THR A 103 -8.12 -19.66 19.47
CA THR A 103 -6.87 -19.98 20.15
C THR A 103 -7.15 -20.16 21.63
N SER A 104 -6.13 -20.63 22.32
CA SER A 104 -6.17 -20.76 23.76
C SER A 104 -5.64 -19.50 24.41
N VAL A 105 -5.86 -19.39 25.71
CA VAL A 105 -5.42 -18.24 26.50
C VAL A 105 -4.58 -18.76 27.65
N ILE A 106 -3.38 -18.23 27.80
CA ILE A 106 -2.52 -18.57 28.93
C ILE A 106 -2.12 -17.28 29.64
N ASN A 107 -1.93 -17.37 30.95
CA ASN A 107 -1.60 -16.20 31.76
C ASN A 107 -0.27 -16.39 32.46
N LEU A 108 0.12 -15.39 33.25
CA LEU A 108 1.46 -15.33 33.85
C LEU A 108 1.36 -15.04 35.33
N VAL A 109 2.51 -15.02 35.98
CA VAL A 109 2.58 -14.63 37.40
C VAL A 109 2.82 -13.13 37.43
N GLY A 110 1.72 -12.39 37.27
CA GLY A 110 1.70 -10.96 37.48
C GLY A 110 2.53 -10.10 36.54
N ASN A 111 2.19 -10.10 35.26
CA ASN A 111 2.77 -9.18 34.29
C ASN A 111 1.67 -8.79 33.31
N PHE A 112 2.07 -8.16 32.21
CA PHE A 112 1.14 -7.76 31.18
C PHE A 112 1.51 -8.47 29.89
N ARG A 113 0.51 -8.96 29.17
CA ARG A 113 0.78 -9.69 27.94
C ARG A 113 -0.44 -9.61 27.04
N VAL A 114 -0.21 -9.32 25.76
CA VAL A 114 -1.25 -9.31 24.74
C VAL A 114 -0.99 -10.46 23.79
N ASN A 115 -2.00 -11.34 23.64
CA ASN A 115 -2.02 -12.41 22.65
C ASN A 115 -0.87 -13.39 22.83
N ASN A 116 -0.69 -13.84 24.06
CA ASN A 116 0.10 -15.02 24.44
C ASN A 116 1.59 -14.89 24.16
N ASN A 117 2.11 -13.69 23.89
CA ASN A 117 3.55 -13.47 23.86
C ASN A 117 3.84 -12.00 24.13
N VAL A 118 5.10 -11.72 24.46
CA VAL A 118 5.48 -10.36 24.82
C VAL A 118 5.87 -9.52 23.62
N SER A 119 6.33 -10.15 22.53
CA SER A 119 6.68 -9.39 21.35
C SER A 119 5.45 -8.91 20.60
N ALA A 120 4.41 -9.76 20.58
CA ALA A 120 3.01 -9.43 20.33
C ALA A 120 2.63 -9.12 18.89
N GLN A 121 3.62 -8.91 18.01
CA GLN A 121 3.57 -9.11 16.55
C GLN A 121 2.32 -8.50 15.91
N ILE A 122 2.31 -7.17 15.86
CA ILE A 122 1.19 -6.31 15.51
C ILE A 122 0.34 -6.77 14.34
N GLY A 123 -0.97 -6.85 14.56
CA GLY A 123 -1.92 -7.18 13.53
C GLY A 123 -2.14 -8.66 13.28
N GLN A 124 -1.58 -9.54 14.10
CA GLN A 124 -1.58 -10.96 13.76
C GLN A 124 -2.94 -11.61 13.95
N PHE A 125 -3.89 -10.97 14.60
CA PHE A 125 -5.27 -11.43 14.64
C PHE A 125 -6.20 -10.45 13.93
N ARG A 126 -5.77 -9.94 12.78
CA ARG A 126 -6.66 -9.10 11.98
C ARG A 126 -7.81 -9.95 11.48
N ILE A 127 -9.01 -9.38 11.49
CA ILE A 127 -10.18 -10.15 11.10
C ILE A 127 -10.45 -9.89 9.63
N ASN A 128 -10.41 -10.95 8.88
CA ASN A 128 -10.33 -11.02 7.42
C ASN A 128 -10.58 -12.49 7.16
N PRO A 129 -11.47 -12.86 6.23
CA PRO A 129 -11.78 -14.28 6.04
C PRO A 129 -10.63 -15.15 5.60
N SER A 130 -9.54 -14.58 5.11
CA SER A 130 -8.39 -15.38 4.73
C SER A 130 -7.30 -15.38 5.77
N ASN A 131 -7.61 -15.03 7.01
CA ASN A 131 -6.60 -15.02 8.06
C ASN A 131 -6.65 -16.39 8.75
N SER A 132 -5.74 -17.27 8.33
CA SER A 132 -5.75 -18.63 8.85
C SER A 132 -5.29 -18.70 10.31
N SER A 133 -4.58 -17.69 10.79
CA SER A 133 -4.25 -17.67 12.20
C SER A 133 -5.44 -17.31 13.07
N LEU A 134 -6.45 -16.67 12.51
CA LEU A 134 -7.64 -16.31 13.28
C LEU A 134 -8.71 -17.38 13.17
N PHE A 135 -9.21 -17.60 11.96
CA PHE A 135 -10.25 -18.60 11.74
C PHE A 135 -9.62 -19.95 11.50
N THR A 136 -10.45 -20.99 11.61
CA THR A 136 -10.00 -22.33 11.25
C THR A 136 -10.83 -22.94 10.13
N TRP A 137 -12.15 -23.00 10.28
CA TRP A 137 -13.00 -23.58 9.26
C TRP A 137 -13.18 -22.65 8.08
N LEU A 138 -13.05 -21.35 8.29
CA LEU A 138 -13.43 -20.39 7.25
C LEU A 138 -12.48 -20.37 6.05
N PRO A 139 -11.15 -20.21 6.18
CA PRO A 139 -10.36 -19.83 4.99
C PRO A 139 -10.23 -20.90 3.93
N THR A 140 -10.66 -22.13 4.18
CA THR A 140 -10.79 -23.07 3.07
C THR A 140 -11.93 -22.68 2.15
N ILE A 141 -12.96 -22.03 2.68
CA ILE A 141 -14.00 -21.50 1.83
C ILE A 141 -13.62 -20.14 1.29
N ALA A 142 -12.90 -19.35 2.09
CA ALA A 142 -12.62 -17.98 1.71
C ALA A 142 -11.61 -17.87 0.58
N SER A 143 -10.83 -18.91 0.32
CA SER A 143 -9.89 -18.83 -0.79
C SER A 143 -10.53 -19.11 -2.12
N ASN A 144 -11.86 -19.17 -2.20
CA ASN A 144 -12.56 -19.33 -3.46
C ASN A 144 -13.37 -18.11 -3.84
N PHE A 145 -13.10 -16.97 -3.21
CA PHE A 145 -13.86 -15.77 -3.50
C PHE A 145 -12.93 -14.57 -3.45
N ASP A 146 -13.48 -13.40 -3.74
CA ASP A 146 -12.73 -12.17 -3.62
C ASP A 146 -13.32 -11.19 -2.62
N SER A 147 -14.60 -10.89 -2.74
CA SER A 147 -15.20 -9.83 -1.93
C SER A 147 -16.07 -10.46 -0.85
N TYR A 148 -15.82 -10.10 0.40
CA TYR A 148 -16.61 -10.55 1.53
C TYR A 148 -17.33 -9.38 2.17
N ARG A 149 -18.21 -9.71 3.10
CA ARG A 149 -18.85 -8.72 3.97
C ARG A 149 -19.41 -9.44 5.18
N PHE A 150 -18.90 -9.13 6.36
CA PHE A 150 -19.48 -9.67 7.58
C PHE A 150 -20.82 -9.02 7.84
N THR A 151 -21.85 -9.84 8.02
CA THR A 151 -23.15 -9.28 8.37
C THR A 151 -23.38 -9.23 9.86
N SER A 152 -22.59 -9.97 10.63
CA SER A 152 -22.61 -10.01 12.08
C SER A 152 -21.40 -10.80 12.50
N ILE A 153 -20.84 -10.44 13.65
CA ILE A 153 -19.67 -11.12 14.17
C ILE A 153 -19.64 -10.91 15.68
N ARG A 154 -19.37 -11.96 16.43
CA ARG A 154 -19.50 -11.90 17.87
C ARG A 154 -18.49 -12.83 18.50
N PHE A 155 -17.67 -12.31 19.40
CA PHE A 155 -16.63 -13.11 20.02
C PHE A 155 -17.07 -13.48 21.42
N VAL A 156 -16.67 -14.66 21.86
CA VAL A 156 -17.11 -15.17 23.15
C VAL A 156 -15.96 -15.94 23.76
N TYR A 157 -15.86 -15.87 25.08
CA TYR A 157 -14.78 -16.49 25.83
C TYR A 157 -15.37 -17.42 26.86
N VAL A 158 -15.04 -18.70 26.77
CA VAL A 158 -15.53 -19.65 27.77
C VAL A 158 -14.36 -20.10 28.62
N PRO A 159 -14.58 -20.37 29.88
CA PRO A 159 -13.47 -20.79 30.73
C PRO A 159 -13.26 -22.28 30.70
N LEU A 160 -12.03 -22.71 30.50
CA LEU A 160 -11.65 -24.12 30.65
C LEU A 160 -10.71 -24.27 31.84
N CYS A 161 -11.05 -23.61 32.95
CA CYS A 161 -10.18 -23.54 34.11
C CYS A 161 -10.99 -23.61 35.39
N ALA A 162 -10.31 -23.93 36.48
CA ALA A 162 -10.95 -23.99 37.77
C ALA A 162 -11.25 -22.61 38.31
N THR A 163 -12.15 -22.54 39.28
CA THR A 163 -12.59 -21.28 39.84
C THR A 163 -11.69 -20.77 40.95
N THR A 164 -10.57 -21.43 41.21
CA THR A 164 -9.74 -21.11 42.36
C THR A 164 -8.59 -20.17 42.03
N GLU A 165 -8.50 -19.69 40.80
CA GLU A 165 -7.36 -18.89 40.38
C GLU A 165 -7.81 -17.57 39.81
N THR A 166 -6.95 -16.56 39.91
CA THR A 166 -7.30 -15.19 39.60
C THR A 166 -6.47 -14.68 38.43
N GLY A 167 -6.71 -13.44 38.06
CA GLY A 167 -6.03 -12.83 36.93
C GLY A 167 -7.00 -12.45 35.83
N ARG A 168 -7.20 -11.16 35.62
CA ARG A 168 -8.28 -10.70 34.76
C ARG A 168 -7.93 -10.84 33.29
N VAL A 169 -8.93 -11.20 32.49
CA VAL A 169 -8.79 -11.28 31.05
C VAL A 169 -9.61 -10.16 30.43
N SER A 170 -9.45 -9.97 29.13
CA SER A 170 -10.07 -8.85 28.47
C SER A 170 -10.14 -9.13 26.98
N LEU A 171 -11.15 -8.58 26.34
CA LEU A 171 -11.34 -8.71 24.91
C LEU A 171 -11.59 -7.32 24.36
N PHE A 172 -11.04 -7.01 23.19
CA PHE A 172 -11.24 -5.69 22.62
C PHE A 172 -11.05 -5.75 21.11
N TRP A 173 -11.41 -4.65 20.46
CA TRP A 173 -11.45 -4.60 19.01
C TRP A 173 -11.09 -3.20 18.53
N ASP A 174 -10.22 -3.12 17.54
CA ASP A 174 -9.80 -1.86 16.97
C ASP A 174 -10.03 -1.93 15.47
N LYS A 175 -10.60 -0.88 14.88
CA LYS A 175 -11.03 -1.03 13.50
C LYS A 175 -9.95 -0.71 12.49
N ASP A 176 -8.87 -0.06 12.88
CA ASP A 176 -7.73 0.05 12.00
C ASP A 176 -6.70 -0.99 12.40
N SER A 177 -6.05 -1.59 11.41
CA SER A 177 -5.42 -2.87 11.61
C SER A 177 -3.98 -2.79 12.08
N GLN A 178 -3.40 -1.61 12.27
CA GLN A 178 -2.05 -1.58 12.81
C GLN A 178 -1.85 -0.47 13.83
N ASP A 179 -2.80 -0.28 14.73
CA ASP A 179 -2.46 0.49 15.92
C ASP A 179 -1.67 -0.39 16.88
N PRO A 180 -0.58 0.08 17.43
CA PRO A 180 0.38 -0.86 18.03
C PRO A 180 0.11 -1.25 19.47
N LEU A 181 -0.97 -2.04 19.68
CA LEU A 181 -1.13 -3.04 20.76
C LEU A 181 -0.68 -2.62 22.15
N PRO A 182 -1.55 -1.96 22.92
CA PRO A 182 -1.13 -1.15 24.08
C PRO A 182 -0.46 -1.93 25.18
N VAL A 183 0.14 -1.19 26.10
CA VAL A 183 1.03 -1.74 27.12
C VAL A 183 0.45 -1.59 28.52
N ASP A 184 -0.20 -0.48 28.82
CA ASP A 184 -0.68 -0.27 30.17
C ASP A 184 -2.01 -0.98 30.41
N ARG A 185 -2.42 -1.01 31.67
CA ARG A 185 -3.77 -1.45 31.98
C ARG A 185 -4.80 -0.40 31.58
N ALA A 186 -4.40 0.88 31.59
CA ALA A 186 -5.37 1.96 31.53
C ALA A 186 -5.92 2.13 30.13
N ALA A 187 -5.04 2.28 29.15
CA ALA A 187 -5.49 2.40 27.77
C ALA A 187 -5.97 1.09 27.19
N LEU A 188 -5.82 -0.01 27.92
CA LEU A 188 -6.32 -1.30 27.49
C LEU A 188 -7.84 -1.30 27.43
N SER A 189 -8.49 -1.00 28.54
CA SER A 189 -9.92 -1.23 28.70
C SER A 189 -10.76 -0.04 28.29
N SER A 190 -10.29 0.76 27.36
CA SER A 190 -11.03 1.95 26.98
C SER A 190 -11.19 2.03 25.47
N TYR A 191 -11.42 0.90 24.82
CA TYR A 191 -11.71 1.01 23.39
C TYR A 191 -13.20 1.19 23.20
N GLY A 192 -13.61 1.32 21.93
CA GLY A 192 -15.01 1.50 21.64
C GLY A 192 -15.84 0.26 21.87
N HIS A 193 -15.21 -0.91 21.86
CA HIS A 193 -15.92 -2.17 22.07
C HIS A 193 -15.00 -3.08 22.87
N SER A 194 -15.32 -3.29 24.13
CA SER A 194 -14.51 -4.15 24.97
C SER A 194 -15.38 -4.69 26.09
N ASN A 195 -14.91 -5.78 26.70
CA ASN A 195 -15.65 -6.36 27.81
C ASN A 195 -14.64 -7.04 28.71
N GLU A 196 -14.22 -6.34 29.76
CA GLU A 196 -13.34 -6.89 30.76
C GLU A 196 -14.09 -7.90 31.62
N GLY A 197 -13.37 -8.95 32.04
CA GLY A 197 -13.99 -10.02 32.78
C GLY A 197 -13.01 -10.84 33.60
N PRO A 198 -13.52 -11.56 34.60
CA PRO A 198 -12.67 -12.42 35.42
C PRO A 198 -12.43 -13.75 34.73
N PRO A 199 -11.39 -14.50 35.08
CA PRO A 199 -10.99 -15.66 34.26
C PRO A 199 -11.90 -16.86 34.39
N TRP A 200 -12.88 -16.84 35.29
CA TRP A 200 -13.79 -17.96 35.44
C TRP A 200 -15.19 -17.67 34.94
N ALA A 201 -15.40 -16.57 34.23
CA ALA A 201 -16.73 -16.20 33.79
C ALA A 201 -16.80 -16.10 32.27
N GLU A 202 -17.96 -16.42 31.73
CA GLU A 202 -18.19 -16.29 30.31
C GLU A 202 -18.27 -14.82 29.93
N THR A 203 -17.60 -14.44 28.85
CA THR A 203 -17.50 -13.05 28.45
C THR A 203 -17.68 -12.94 26.94
N THR A 204 -18.62 -12.11 26.52
CA THR A 204 -18.90 -11.92 25.10
C THR A 204 -18.35 -10.59 24.62
N LEU A 205 -18.36 -10.41 23.31
CA LEU A 205 -17.93 -9.15 22.71
C LEU A 205 -18.59 -9.01 21.34
N ASN A 206 -19.61 -8.16 21.26
CA ASN A 206 -20.09 -7.77 19.95
C ASN A 206 -19.07 -6.86 19.27
N VAL A 207 -19.12 -6.84 17.95
CA VAL A 207 -18.26 -5.97 17.16
C VAL A 207 -19.01 -5.56 15.90
N PRO A 208 -19.14 -4.27 15.62
CA PRO A 208 -20.08 -3.81 14.60
C PRO A 208 -19.57 -4.08 13.19
N THR A 209 -20.52 -4.11 12.26
CA THR A 209 -20.25 -4.41 10.87
C THR A 209 -20.57 -3.21 9.99
N ASP A 210 -20.15 -3.30 8.74
CA ASP A 210 -20.39 -2.25 7.75
C ASP A 210 -21.01 -2.87 6.52
N GLY A 211 -21.63 -2.02 5.69
CA GLY A 211 -22.16 -2.47 4.43
C GLY A 211 -21.20 -2.26 3.29
N LYS A 212 -19.97 -2.72 3.44
CA LYS A 212 -18.93 -2.50 2.43
C LYS A 212 -18.39 -3.82 1.91
N GLN A 213 -17.93 -3.80 0.68
CA GLN A 213 -17.23 -4.92 0.09
C GLN A 213 -15.75 -4.73 0.34
N ARG A 214 -15.08 -5.77 0.80
CA ARG A 214 -13.65 -5.72 1.02
C ARG A 214 -13.02 -6.94 0.39
N PHE A 215 -11.78 -6.79 -0.06
CA PHE A 215 -11.08 -7.91 -0.66
C PHE A 215 -10.52 -8.82 0.40
N VAL A 216 -10.21 -10.06 0.03
CA VAL A 216 -9.83 -11.00 1.08
C VAL A 216 -8.37 -10.87 1.48
N THR A 217 -7.44 -11.41 0.68
CA THR A 217 -6.01 -11.14 0.57
C THR A 217 -5.47 -11.93 -0.60
N ASP A 218 -4.78 -11.27 -1.52
CA ASP A 218 -4.35 -11.87 -2.77
C ASP A 218 -3.07 -11.15 -3.19
N SER A 219 -1.93 -11.81 -2.97
CA SER A 219 -0.60 -11.20 -3.10
C SER A 219 -0.52 -9.92 -2.28
N ASN A 220 -0.56 -10.15 -0.96
CA ASN A 220 -1.01 -9.20 0.05
C ASN A 220 -0.32 -7.84 -0.04
N THR A 221 -1.10 -6.80 0.28
CA THR A 221 -0.67 -5.43 0.08
C THR A 221 0.28 -4.98 1.17
N THR A 222 0.67 -3.71 1.09
CA THR A 222 1.57 -3.12 2.07
C THR A 222 0.85 -2.33 3.14
N ASP A 223 -0.42 -2.00 2.94
CA ASP A 223 -1.24 -1.37 3.98
C ASP A 223 -2.54 -2.16 4.06
N ARG A 224 -2.48 -3.24 4.83
CA ARG A 224 -3.58 -4.19 4.98
C ARG A 224 -4.63 -3.65 5.94
N LYS A 225 -5.18 -2.51 5.57
CA LYS A 225 -5.90 -1.67 6.50
C LYS A 225 -7.22 -1.25 5.88
N LEU A 226 -7.21 -1.10 4.57
CA LEU A 226 -8.44 -0.85 3.84
C LEU A 226 -9.19 -2.12 3.50
N VAL A 227 -8.56 -3.27 3.73
CA VAL A 227 -9.14 -4.54 3.32
C VAL A 227 -9.77 -5.29 4.49
N ASP A 228 -9.54 -4.86 5.72
CA ASP A 228 -10.04 -5.57 6.88
C ASP A 228 -11.21 -4.83 7.50
N LEU A 229 -12.01 -5.57 8.24
CA LEU A 229 -13.09 -4.96 8.99
C LEU A 229 -12.67 -4.65 10.41
N GLY A 230 -11.45 -5.00 10.80
CA GLY A 230 -10.95 -4.51 12.08
C GLY A 230 -9.72 -5.25 12.52
N GLN A 231 -9.57 -5.34 13.84
CA GLN A 231 -8.47 -6.05 14.46
C GLN A 231 -8.89 -6.47 15.85
N PHE A 232 -8.74 -7.75 16.16
CA PHE A 232 -9.09 -8.31 17.45
C PHE A 232 -7.83 -8.63 18.23
N ALA A 233 -7.87 -8.41 19.52
CA ALA A 233 -6.79 -8.85 20.39
C ALA A 233 -7.34 -9.03 21.79
N PHE A 234 -6.72 -9.91 22.55
CA PHE A 234 -7.07 -10.13 23.92
C PHE A 234 -5.83 -9.93 24.78
N ALA A 235 -6.04 -9.75 26.08
CA ALA A 235 -4.92 -9.52 26.97
C ALA A 235 -5.30 -9.94 28.38
N THR A 236 -4.34 -10.51 29.09
CA THR A 236 -4.50 -10.87 30.49
C THR A 236 -3.44 -10.14 31.30
N TYR A 237 -3.79 -9.79 32.54
CA TYR A 237 -2.79 -9.20 33.41
C TYR A 237 -3.07 -9.59 34.85
N ALA A 238 -1.98 -9.62 35.63
CA ALA A 238 -1.98 -9.80 37.08
C ALA A 238 -2.59 -11.13 37.50
N GLY A 239 -2.02 -12.21 36.98
CA GLY A 239 -2.34 -13.54 37.44
C GLY A 239 -1.62 -13.85 38.74
N GLY A 240 -1.72 -15.10 39.19
CA GLY A 240 -2.37 -16.19 38.47
C GLY A 240 -1.49 -17.43 38.53
N SER A 241 -1.27 -18.04 37.38
CA SER A 241 -0.37 -19.16 37.23
C SER A 241 0.15 -19.17 35.80
N ASN A 242 0.76 -20.27 35.39
CA ASN A 242 1.28 -20.35 34.03
C ASN A 242 0.61 -21.47 33.26
N ASN A 243 -0.72 -21.54 33.35
CA ASN A 243 -1.48 -22.62 32.75
C ASN A 243 -2.45 -22.05 31.73
N GLN A 244 -3.16 -22.95 31.05
CA GLN A 244 -4.23 -22.54 30.16
C GLN A 244 -5.48 -22.23 30.96
N ILE A 245 -6.10 -21.09 30.71
CA ILE A 245 -7.29 -20.72 31.46
C ILE A 245 -8.45 -20.38 30.55
N GLY A 246 -8.50 -20.99 29.38
CA GLY A 246 -9.67 -20.81 28.52
C GLY A 246 -9.36 -20.64 27.06
N ASP A 247 -10.39 -20.44 26.25
CA ASP A 247 -10.23 -20.27 24.82
C ASP A 247 -11.35 -19.40 24.28
N ILE A 248 -11.15 -18.90 23.06
CA ILE A 248 -12.02 -17.88 22.49
C ILE A 248 -12.69 -18.43 21.26
N TYR A 249 -14.00 -18.31 21.19
CA TYR A 249 -14.78 -18.78 20.06
C TYR A 249 -15.41 -17.61 19.33
N VAL A 250 -15.77 -17.85 18.07
CA VAL A 250 -16.23 -16.79 17.17
C VAL A 250 -17.53 -17.24 16.52
N GLU A 251 -18.59 -16.45 16.69
CA GLU A 251 -19.77 -16.60 15.86
C GLU A 251 -19.78 -15.48 14.85
N TYR A 252 -20.18 -15.79 13.62
CA TYR A 252 -20.20 -14.77 12.59
C TYR A 252 -21.31 -15.03 11.58
N GLY A 253 -21.25 -14.29 10.49
CA GLY A 253 -22.11 -14.44 9.34
C GLY A 253 -21.55 -13.59 8.23
N VAL A 254 -21.36 -14.17 7.05
CA VAL A 254 -20.61 -13.53 5.97
C VAL A 254 -21.43 -13.56 4.69
N GLU A 255 -20.96 -12.79 3.71
CA GLU A 255 -21.46 -12.87 2.35
C GLU A 255 -20.29 -12.79 1.40
N PHE A 256 -20.01 -13.86 0.69
CA PHE A 256 -18.97 -13.84 -0.32
C PHE A 256 -19.53 -13.52 -1.69
N SER A 257 -18.65 -13.14 -2.62
CA SER A 257 -19.05 -12.87 -3.99
C SER A 257 -17.83 -13.03 -4.89
N GLU A 258 -18.10 -13.14 -6.20
CA GLU A 258 -17.11 -13.06 -7.28
C GLU A 258 -16.05 -14.16 -7.15
N ALA A 259 -16.49 -15.38 -7.46
CA ALA A 259 -15.71 -16.59 -7.20
C ALA A 259 -14.39 -16.63 -7.97
N GLN A 260 -13.30 -16.85 -7.24
CA GLN A 260 -11.98 -17.07 -7.80
C GLN A 260 -11.81 -18.49 -8.27
N PRO A 261 -10.70 -18.82 -8.94
CA PRO A 261 -10.25 -20.20 -8.98
C PRO A 261 -9.66 -20.63 -7.64
N ALA A 262 -9.50 -21.94 -7.51
CA ALA A 262 -9.22 -22.57 -6.24
C ALA A 262 -7.76 -22.37 -5.86
N GLY A 263 -7.51 -21.32 -5.08
CA GLY A 263 -6.23 -21.19 -4.45
C GLY A 263 -6.03 -22.27 -3.40
N GLY A 264 -4.79 -22.69 -3.24
CA GLY A 264 -4.48 -23.72 -2.28
C GLY A 264 -4.53 -23.22 -0.86
N LEU A 265 -4.43 -24.17 0.07
CA LEU A 265 -4.33 -23.84 1.49
C LEU A 265 -2.99 -24.24 2.07
N THR A 266 -2.01 -24.56 1.24
CA THR A 266 -0.69 -24.89 1.73
C THR A 266 0.15 -23.62 1.82
N GLN A 267 1.05 -23.59 2.79
CA GLN A 267 2.00 -22.50 2.88
C GLN A 267 3.41 -23.03 2.68
N TYR A 268 4.34 -22.08 2.53
CA TYR A 268 5.72 -22.39 2.17
C TYR A 268 6.60 -21.39 2.89
N ILE A 269 7.55 -21.88 3.68
CA ILE A 269 8.45 -21.03 4.43
C ILE A 269 9.88 -21.50 4.18
N THR A 270 10.73 -20.58 3.75
CA THR A 270 12.17 -20.81 3.70
C THR A 270 12.86 -19.98 4.76
N LYS A 271 13.98 -20.49 5.24
CA LYS A 271 14.74 -19.84 6.31
C LYS A 271 16.21 -20.10 6.06
N SER A 272 16.95 -19.07 5.67
CA SER A 272 18.40 -19.18 5.66
C SER A 272 18.91 -18.78 7.04
N VAL A 273 20.21 -18.55 7.16
CA VAL A 273 20.76 -18.01 8.40
C VAL A 273 20.66 -16.49 8.35
N GLY A 274 20.10 -15.89 9.41
CA GLY A 274 19.75 -14.48 9.40
C GLY A 274 18.70 -14.19 8.35
N ALA A 275 17.53 -14.80 8.50
CA ALA A 275 16.62 -14.94 7.37
C ALA A 275 15.59 -13.82 7.27
N THR A 276 14.78 -13.65 8.31
CA THR A 276 13.51 -12.89 8.26
C THR A 276 12.65 -13.37 7.10
N ALA A 277 12.13 -14.59 7.29
CA ALA A 277 11.58 -15.50 6.28
C ALA A 277 10.60 -14.85 5.31
N SER A 278 10.63 -15.36 4.09
CA SER A 278 9.62 -15.07 3.08
C SER A 278 8.65 -16.23 3.02
N THR A 279 7.37 -15.92 2.81
CA THR A 279 6.33 -16.93 2.86
C THR A 279 5.30 -16.69 1.77
N THR A 280 4.34 -17.60 1.68
CA THR A 280 3.21 -17.44 0.78
C THR A 280 2.05 -18.26 1.32
N GLY A 281 0.88 -18.03 0.75
CA GLY A 281 -0.32 -18.73 1.15
C GLY A 281 -0.79 -18.28 2.52
N PRO A 282 -1.39 -19.20 3.27
CA PRO A 282 -1.83 -18.87 4.63
C PRO A 282 -0.67 -18.79 5.60
N SER A 283 -0.96 -18.59 6.87
CA SER A 283 0.08 -18.49 7.90
C SER A 283 -0.26 -19.44 9.04
N TYR A 284 0.11 -20.71 8.88
CA TYR A 284 -0.02 -21.63 9.99
C TYR A 284 1.14 -21.50 10.94
N VAL A 285 2.29 -21.05 10.46
CA VAL A 285 3.36 -20.61 11.32
C VAL A 285 3.69 -19.18 10.95
N VAL A 286 4.45 -18.54 11.82
CA VAL A 286 5.01 -17.23 11.61
C VAL A 286 6.51 -17.37 11.89
N ASP A 287 7.27 -16.28 11.78
CA ASP A 287 8.71 -16.37 11.96
C ASP A 287 9.09 -16.63 13.42
N ALA A 288 8.78 -17.82 13.91
CA ALA A 288 9.34 -18.35 15.16
C ALA A 288 9.71 -19.80 14.83
N ASN A 289 10.91 -19.97 14.26
CA ASN A 289 11.46 -21.30 14.00
C ASN A 289 12.98 -21.15 13.91
N ILE A 290 13.66 -21.43 14.99
CA ILE A 290 15.06 -21.06 15.15
C ILE A 290 15.96 -22.14 14.58
N ASN A 291 17.09 -21.71 14.01
CA ASN A 291 18.13 -22.55 13.43
C ASN A 291 19.39 -21.75 13.14
N VAL A 292 20.57 -22.22 13.55
CA VAL A 292 21.76 -21.52 13.07
C VAL A 292 22.75 -22.43 12.35
N ASN A 293 23.52 -23.23 13.08
CA ASN A 293 24.37 -24.24 12.45
C ASN A 293 24.46 -25.48 13.31
N ALA A 294 24.29 -25.29 14.61
CA ALA A 294 24.51 -26.29 15.65
C ALA A 294 23.30 -27.19 15.74
N THR A 295 23.12 -27.86 16.88
CA THR A 295 21.92 -28.67 17.09
C THR A 295 20.70 -27.75 17.18
N THR A 296 20.31 -27.17 16.04
CA THR A 296 19.39 -26.04 15.92
C THR A 296 18.68 -26.22 14.57
N ALA A 297 17.57 -26.92 14.59
CA ALA A 297 16.61 -26.90 13.49
C ALA A 297 15.25 -27.15 14.14
N ASN A 298 14.59 -26.07 14.50
CA ASN A 298 13.42 -26.12 15.36
C ASN A 298 12.24 -25.49 14.65
N VAL A 299 11.05 -26.03 14.92
CA VAL A 299 9.80 -25.44 14.48
C VAL A 299 8.73 -25.91 15.45
N GLU A 300 7.81 -25.02 15.77
CA GLU A 300 6.77 -25.34 16.74
C GLU A 300 5.52 -24.55 16.40
N PHE A 301 4.37 -25.15 16.60
CA PHE A 301 3.13 -24.55 16.15
C PHE A 301 2.44 -23.82 17.29
N PHE A 302 1.37 -23.12 16.96
CA PHE A 302 0.49 -22.61 18.00
C PHE A 302 -0.97 -22.85 17.66
N SER A 303 -1.28 -22.94 16.39
CA SER A 303 -2.66 -23.18 16.01
C SER A 303 -2.98 -24.66 16.12
N PRO A 304 -4.19 -25.01 16.53
CA PRO A 304 -4.55 -26.42 16.70
C PRO A 304 -4.82 -27.09 15.37
N GLY A 305 -5.22 -28.36 15.45
CA GLY A 305 -5.62 -29.12 14.28
C GLY A 305 -4.55 -30.10 13.85
N THR A 306 -4.94 -30.98 12.93
CA THR A 306 -4.01 -31.94 12.35
C THR A 306 -3.29 -31.30 11.17
N PHE A 307 -2.09 -31.80 10.88
CA PHE A 307 -1.27 -31.19 9.85
C PHE A 307 -0.44 -32.23 9.11
N LEU A 308 -0.21 -31.96 7.83
CA LEU A 308 0.72 -32.69 6.99
C LEU A 308 1.85 -31.77 6.60
N ILE A 309 3.08 -32.15 6.94
CA ILE A 309 4.23 -31.30 6.64
C ILE A 309 5.24 -32.10 5.84
N THR A 310 6.01 -31.39 5.02
CA THR A 310 7.20 -31.91 4.36
C THR A 310 8.31 -30.89 4.56
N ALA A 311 9.54 -31.37 4.62
CA ALA A 311 10.63 -30.49 4.97
C ALA A 311 11.95 -30.98 4.38
N VAL A 312 12.65 -30.09 3.67
CA VAL A 312 14.00 -30.36 3.23
C VAL A 312 14.96 -29.55 4.08
N VAL A 313 16.19 -30.05 4.21
CA VAL A 313 17.28 -29.33 4.86
C VAL A 313 18.48 -29.39 3.93
N TYR A 314 19.51 -28.65 4.28
CA TYR A 314 20.76 -28.69 3.52
C TYR A 314 21.93 -28.45 4.46
N GLY A 315 23.09 -28.94 4.05
CA GLY A 315 24.32 -28.70 4.79
C GLY A 315 25.14 -29.95 5.03
N SER A 316 25.66 -30.09 6.25
CA SER A 316 26.41 -31.28 6.64
C SER A 316 25.46 -32.37 7.09
N THR A 317 25.97 -33.37 7.81
CA THR A 317 25.16 -34.48 8.26
C THR A 317 24.03 -34.04 9.19
N ILE A 318 22.87 -34.66 9.02
CA ILE A 318 21.63 -34.25 9.65
C ILE A 318 21.09 -35.43 10.44
N ALA A 319 20.77 -35.20 11.71
CA ALA A 319 20.16 -36.25 12.51
C ALA A 319 18.68 -36.39 12.17
N SER A 320 18.11 -37.51 12.61
CA SER A 320 16.69 -37.74 12.43
C SER A 320 15.89 -36.82 13.34
N PRO A 321 14.70 -36.39 12.92
CA PRO A 321 13.87 -35.55 13.80
C PRO A 321 13.31 -36.35 14.96
N SER A 322 13.41 -35.76 16.15
CA SER A 322 12.94 -36.37 17.38
C SER A 322 11.71 -35.60 17.83
N MET A 323 10.54 -36.13 17.51
CA MET A 323 9.29 -35.39 17.70
C MET A 323 8.90 -35.32 19.17
N ALA A 324 9.06 -36.43 19.89
CA ALA A 324 8.46 -36.56 21.21
C ALA A 324 9.18 -35.70 22.24
N GLY A 325 8.53 -35.53 23.39
CA GLY A 325 9.00 -34.70 24.46
C GLY A 325 8.29 -33.37 24.58
N GLY A 326 7.64 -32.91 23.52
CA GLY A 326 6.98 -31.63 23.52
C GLY A 326 5.56 -31.73 23.01
N ASN A 327 5.12 -30.65 22.36
CA ASN A 327 3.77 -30.57 21.86
C ASN A 327 3.61 -31.45 20.63
N GLY A 328 2.38 -31.88 20.38
CA GLY A 328 2.07 -32.62 19.18
C GLY A 328 2.27 -34.11 19.31
N THR A 329 1.37 -34.90 18.73
CA THR A 329 1.44 -36.35 18.79
C THR A 329 1.53 -36.91 17.38
N LEU A 330 2.42 -37.87 17.19
CA LEU A 330 2.55 -38.54 15.91
C LEU A 330 1.33 -39.43 15.67
N ILE A 331 0.96 -39.58 14.41
CA ILE A 331 -0.19 -40.38 14.05
C ILE A 331 0.12 -41.44 12.99
N GLY A 332 1.23 -41.35 12.27
CA GLY A 332 1.47 -42.28 11.18
C GLY A 332 2.77 -43.04 11.26
N ASP A 333 3.64 -42.84 10.26
CA ASP A 333 4.88 -43.60 10.13
C ASP A 333 6.13 -42.75 10.33
N LEU A 334 6.13 -41.52 9.82
CA LEU A 334 7.27 -40.59 9.78
C LEU A 334 8.44 -41.22 9.03
N PRO A 335 8.38 -41.29 7.69
CA PRO A 335 9.57 -41.71 6.94
C PRO A 335 10.63 -40.64 6.94
N VAL A 336 11.88 -41.06 6.85
CA VAL A 336 13.01 -40.15 6.92
C VAL A 336 14.17 -40.78 6.17
N VAL A 337 14.96 -39.93 5.48
CA VAL A 337 16.09 -40.40 4.71
C VAL A 337 17.09 -39.25 4.59
N GLY A 338 18.36 -39.59 4.47
CA GLY A 338 19.38 -38.59 4.23
C GLY A 338 20.56 -38.67 5.17
N GLY A 339 21.07 -37.53 5.61
CA GLY A 339 22.19 -37.46 6.52
C GLY A 339 23.53 -37.23 5.87
N SER A 340 23.58 -36.88 4.59
CA SER A 340 24.84 -36.60 3.92
C SER A 340 24.94 -35.14 3.49
N ASN A 341 24.00 -34.67 2.68
CA ASN A 341 23.95 -33.27 2.29
C ASN A 341 22.57 -32.66 2.37
N ALA A 342 21.52 -33.46 2.32
CA ALA A 342 20.15 -32.96 2.33
C ALA A 342 19.24 -34.08 2.79
N SER A 343 18.31 -33.76 3.68
CA SER A 343 17.41 -34.76 4.23
C SER A 343 15.97 -34.28 4.08
N ILE A 344 15.12 -35.16 3.59
CA ILE A 344 13.70 -34.92 3.39
C ILE A 344 12.92 -35.84 4.30
N TRP A 345 11.86 -35.32 4.92
CA TRP A 345 11.05 -36.09 5.84
C TRP A 345 9.64 -35.51 5.85
N THR A 346 8.67 -36.40 6.01
CA THR A 346 7.26 -36.06 5.87
C THR A 346 6.50 -36.63 7.06
N CYS A 347 5.61 -35.83 7.64
CA CYS A 347 4.91 -36.25 8.83
C CYS A 347 3.44 -35.87 8.74
N VAL A 348 2.60 -36.71 9.32
CA VAL A 348 1.23 -36.36 9.63
C VAL A 348 1.11 -36.40 11.15
N PHE A 349 0.50 -35.37 11.73
CA PHE A 349 0.45 -35.28 13.18
C PHE A 349 -0.67 -34.33 13.56
N SER A 350 -0.92 -34.26 14.87
CA SER A 350 -1.90 -33.35 15.43
C SER A 350 -1.28 -32.71 16.65
N THR A 351 -1.53 -31.41 16.81
CA THR A 351 -0.94 -30.65 17.90
C THR A 351 -2.03 -29.81 18.56
N THR A 352 -1.69 -29.24 19.71
CA THR A 352 -2.67 -28.47 20.44
C THR A 352 -2.00 -27.33 21.19
N GLY A 353 -2.65 -26.17 21.12
CA GLY A 353 -2.66 -25.18 22.19
C GLY A 353 -1.32 -24.64 22.61
N VAL A 354 -1.03 -24.79 23.89
CA VAL A 354 0.08 -24.10 24.52
C VAL A 354 1.40 -24.71 24.07
N SER A 355 2.40 -23.86 23.95
CA SER A 355 3.77 -24.32 23.79
C SER A 355 4.35 -24.63 25.16
N THR A 356 4.69 -25.89 25.40
CA THR A 356 5.55 -26.20 26.53
C THR A 356 6.98 -25.77 26.21
N SER A 357 7.86 -25.87 27.20
CA SER A 357 9.18 -25.26 27.08
C SER A 357 10.17 -26.10 26.28
N VAL A 358 9.76 -26.53 25.08
CA VAL A 358 10.56 -27.30 24.13
C VAL A 358 9.82 -27.24 22.79
N PRO A 359 10.52 -26.96 21.69
CA PRO A 359 9.86 -26.96 20.39
C PRO A 359 9.51 -28.37 19.94
N THR A 360 8.77 -28.45 18.83
CA THR A 360 8.04 -29.67 18.52
C THR A 360 8.80 -30.68 17.70
N PHE A 361 9.79 -30.28 16.90
CA PHE A 361 10.41 -31.25 16.00
C PHE A 361 11.89 -31.49 16.25
N THR A 362 12.70 -30.43 16.34
CA THR A 362 14.05 -30.43 16.91
C THR A 362 15.01 -31.39 16.17
N GLN A 363 15.32 -31.04 14.93
CA GLN A 363 16.44 -31.71 14.27
C GLN A 363 17.75 -31.10 14.72
N ALA A 364 18.74 -31.97 14.96
CA ALA A 364 20.02 -31.48 15.45
C ALA A 364 20.91 -30.99 14.32
N GLY A 365 21.40 -31.91 13.50
CA GLY A 365 22.39 -31.56 12.49
C GLY A 365 23.73 -31.13 13.07
N THR A 366 24.67 -30.86 12.17
CA THR A 366 25.97 -30.35 12.57
C THR A 366 26.37 -29.06 11.88
N GLY A 367 25.98 -28.87 10.62
CA GLY A 367 26.18 -27.61 9.94
C GLY A 367 25.11 -27.43 8.89
N LEU A 368 24.39 -26.32 8.96
CA LEU A 368 23.17 -26.16 8.17
C LEU A 368 23.22 -24.84 7.43
N THR A 369 22.52 -24.77 6.31
CA THR A 369 22.44 -23.56 5.52
C THR A 369 21.01 -23.02 5.47
N ARG A 370 20.07 -23.81 4.98
CA ARG A 370 18.69 -23.35 4.88
C ARG A 370 17.74 -24.52 5.01
N VAL A 371 16.51 -24.20 5.39
CA VAL A 371 15.47 -25.19 5.62
C VAL A 371 14.21 -24.70 4.91
N GLN A 372 13.35 -25.65 4.52
CA GLN A 372 12.10 -25.32 3.87
C GLN A 372 11.00 -26.17 4.48
N TYR A 373 9.77 -25.69 4.37
CA TYR A 373 8.62 -26.37 4.95
C TYR A 373 7.42 -26.19 4.05
N THR A 374 6.50 -27.15 4.12
CA THR A 374 5.25 -27.08 3.38
C THR A 374 4.16 -27.58 4.31
N ILE A 375 3.40 -26.66 4.87
CA ILE A 375 2.41 -26.99 5.89
C ILE A 375 1.05 -27.05 5.22
N THR A 376 0.25 -28.03 5.57
CA THR A 376 -1.14 -28.05 5.13
C THR A 376 -2.01 -28.74 6.16
N ARG A 377 -3.31 -28.50 6.06
CA ARG A 377 -4.28 -28.98 7.04
C ARG A 377 -5.06 -30.15 6.45
N VAL A 378 -5.01 -31.29 7.12
CA VAL A 378 -5.64 -32.52 6.65
C VAL A 378 -6.52 -33.08 7.76
N ASN A 379 -7.08 -34.26 7.56
CA ASN A 379 -7.71 -34.99 8.63
C ASN A 379 -6.91 -36.24 8.95
N SER A 380 -7.47 -37.10 9.81
CA SER A 380 -6.66 -38.13 10.46
C SER A 380 -6.31 -39.26 9.52
N GLN A 381 -7.22 -39.66 8.64
CA GLN A 381 -7.01 -40.89 7.89
C GLN A 381 -6.14 -40.70 6.66
N THR A 382 -5.49 -39.55 6.50
CA THR A 382 -4.53 -39.36 5.42
C THR A 382 -3.11 -39.56 5.90
N ALA A 383 -2.89 -40.53 6.79
CA ALA A 383 -1.59 -40.75 7.37
C ALA A 383 -0.77 -41.69 6.49
N TYR A 384 0.37 -42.14 7.01
CA TYR A 384 1.19 -43.14 6.37
C TYR A 384 1.10 -44.44 7.17
N GLN A 385 0.83 -45.54 6.50
CA GLN A 385 0.29 -46.73 7.14
C GLN A 385 1.34 -47.82 7.35
N VAL A 386 2.56 -47.45 7.68
CA VAL A 386 3.55 -48.45 8.08
C VAL A 386 4.15 -48.08 9.43
N GLY B 92 -24.06 7.49 19.23
CA GLY B 92 -22.88 6.70 18.93
C GLY B 92 -21.85 7.45 18.10
N LYS B 93 -22.27 8.56 17.52
CA LYS B 93 -21.41 9.40 16.69
C LYS B 93 -21.46 10.83 17.21
N VAL B 94 -20.31 11.35 17.61
CA VAL B 94 -20.24 12.73 18.08
C VAL B 94 -20.24 13.64 16.86
N HIS B 95 -20.44 14.94 17.08
CA HIS B 95 -20.59 15.87 15.97
C HIS B 95 -20.21 17.26 16.46
N ILE B 96 -19.00 17.68 16.18
CA ILE B 96 -18.52 18.97 16.65
C ILE B 96 -18.54 19.94 15.48
N VAL B 97 -18.67 21.22 15.81
CA VAL B 97 -18.65 22.31 14.85
C VAL B 97 -17.77 23.41 15.42
N HIS B 98 -16.77 23.84 14.67
CA HIS B 98 -15.81 24.78 15.23
C HIS B 98 -15.15 25.56 14.11
N ARG B 99 -14.56 26.70 14.47
CA ARG B 99 -13.91 27.61 13.53
C ARG B 99 -12.58 28.03 14.13
N GLU B 100 -11.47 27.57 13.57
CA GLU B 100 -10.16 27.78 14.16
C GLU B 100 -9.14 28.25 13.12
N LEU B 101 -7.91 28.40 13.58
CA LEU B 101 -6.82 28.98 12.81
C LEU B 101 -6.05 27.90 12.09
N VAL B 102 -5.42 28.28 10.97
CA VAL B 102 -4.62 27.33 10.20
C VAL B 102 -3.17 27.76 10.22
N THR B 103 -2.90 28.90 9.60
CA THR B 103 -1.55 29.41 9.40
C THR B 103 -1.66 30.82 8.88
N SER B 104 -0.54 31.51 8.91
CA SER B 104 -0.45 32.84 8.33
C SER B 104 -0.11 32.74 6.86
N VAL B 105 -0.13 33.88 6.17
CA VAL B 105 0.37 33.95 4.82
C VAL B 105 1.46 35.01 4.77
N ILE B 106 2.45 34.79 3.91
CA ILE B 106 3.59 35.69 3.74
C ILE B 106 3.88 35.75 2.25
N ASN B 107 3.79 36.95 1.69
CA ASN B 107 4.11 37.11 0.27
C ASN B 107 5.56 37.59 0.10
N LEU B 108 6.06 37.43 -1.13
CA LEU B 108 7.39 37.89 -1.50
C LEU B 108 7.29 38.97 -2.55
N VAL B 109 8.45 39.40 -3.05
CA VAL B 109 8.51 40.48 -4.03
C VAL B 109 8.47 39.84 -5.41
N GLY B 110 7.26 39.52 -5.85
CA GLY B 110 7.02 39.15 -7.23
C GLY B 110 7.54 37.80 -7.66
N ASN B 111 7.10 36.74 -7.00
CA ASN B 111 7.36 35.37 -7.42
C ASN B 111 6.09 34.58 -7.17
N PHE B 112 6.20 33.26 -7.18
CA PHE B 112 5.06 32.38 -6.99
C PHE B 112 5.43 31.34 -5.95
N ARG B 113 4.81 31.40 -4.78
CA ARG B 113 5.08 30.49 -3.69
C ARG B 113 3.80 29.82 -3.24
N VAL B 114 3.90 28.56 -2.86
CA VAL B 114 2.76 27.77 -2.42
C VAL B 114 3.06 27.31 -1.01
N ASN B 115 2.15 27.64 -0.08
CA ASN B 115 2.22 27.24 1.33
C ASN B 115 3.50 27.72 2.01
N ASN B 116 3.93 28.92 1.66
CA ASN B 116 4.98 29.67 2.37
C ASN B 116 6.34 28.98 2.34
N ASN B 117 6.65 28.23 1.30
CA ASN B 117 8.03 27.84 1.06
C ASN B 117 8.25 27.57 -0.40
N VAL B 118 9.51 27.60 -0.80
CA VAL B 118 9.90 26.98 -2.06
C VAL B 118 10.00 25.47 -1.85
N SER B 119 9.89 24.74 -2.97
CA SER B 119 9.93 23.28 -3.13
C SER B 119 8.67 22.58 -2.59
N ALA B 120 7.81 23.35 -1.91
CA ALA B 120 6.37 23.15 -1.77
C ALA B 120 5.94 22.01 -0.88
N GLN B 121 6.84 21.07 -0.55
CA GLN B 121 6.64 19.99 0.42
C GLN B 121 5.33 19.23 0.19
N ILE B 122 5.33 18.40 -0.85
CA ILE B 122 4.19 17.62 -1.34
C ILE B 122 3.36 16.98 -0.24
N GLY B 123 2.05 17.22 -0.28
CA GLY B 123 1.20 16.91 0.85
C GLY B 123 1.14 18.08 1.81
N GLN B 124 1.36 17.81 3.09
CA GLN B 124 1.67 18.77 4.16
C GLN B 124 0.48 19.63 4.57
N PHE B 125 -0.59 19.61 3.81
CA PHE B 125 -1.87 20.19 4.20
C PHE B 125 -3.00 19.30 3.78
N ARG B 126 -2.77 17.98 3.76
CA ARG B 126 -3.83 17.00 3.54
C ARG B 126 -4.87 17.15 4.63
N ILE B 127 -6.12 17.37 4.24
CA ILE B 127 -7.10 17.73 5.24
C ILE B 127 -7.68 16.44 5.82
N ASN B 128 -7.46 16.28 7.10
CA ASN B 128 -7.57 15.05 7.86
C ASN B 128 -7.50 15.48 9.32
N PRO B 129 -8.43 15.04 10.18
CA PRO B 129 -8.43 15.53 11.56
C PRO B 129 -7.21 15.20 12.39
N SER B 130 -6.33 14.31 11.94
CA SER B 130 -5.10 14.12 12.68
C SER B 130 -3.96 14.97 12.16
N ASN B 131 -4.16 15.68 11.07
CA ASN B 131 -3.09 16.52 10.53
C ASN B 131 -2.95 17.75 11.40
N SER B 132 -1.99 17.70 12.33
CA SER B 132 -1.79 18.80 13.24
C SER B 132 -1.14 20.01 12.58
N SER B 133 -0.69 19.89 11.34
CA SER B 133 -0.06 21.02 10.70
C SER B 133 -1.05 22.03 10.13
N LEU B 134 -2.32 21.69 10.00
CA LEU B 134 -3.29 22.68 9.57
C LEU B 134 -4.35 22.94 10.63
N PHE B 135 -4.96 21.92 11.20
CA PHE B 135 -5.83 22.16 12.33
C PHE B 135 -4.98 22.44 13.55
N THR B 136 -5.53 23.18 14.52
CA THR B 136 -4.79 23.43 15.73
C THR B 136 -5.59 23.28 17.02
N TRP B 137 -6.92 23.15 16.93
CA TRP B 137 -7.74 22.71 18.05
C TRP B 137 -8.35 21.35 17.83
N LEU B 138 -8.53 20.96 16.58
CA LEU B 138 -9.17 19.68 16.28
C LEU B 138 -8.33 18.46 16.72
N PRO B 139 -7.04 18.32 16.37
CA PRO B 139 -6.40 17.01 16.61
C PRO B 139 -6.09 16.72 18.05
N THR B 140 -6.41 17.60 18.99
CA THR B 140 -6.30 17.19 20.38
C THR B 140 -7.48 16.32 20.81
N ILE B 141 -8.55 16.26 20.02
CA ILE B 141 -9.62 15.30 20.28
C ILE B 141 -9.74 14.27 19.18
N ALA B 142 -9.10 14.46 18.04
CA ALA B 142 -9.11 13.42 17.04
C ALA B 142 -8.14 12.29 17.38
N SER B 143 -7.28 12.49 18.36
CA SER B 143 -6.46 11.39 18.84
C SER B 143 -7.26 10.39 19.65
N ASN B 144 -8.47 10.74 20.08
CA ASN B 144 -9.32 9.85 20.84
C ASN B 144 -10.41 9.23 19.96
N PHE B 145 -10.18 9.10 18.66
CA PHE B 145 -11.14 8.44 17.78
C PHE B 145 -10.39 7.72 16.66
N ASP B 146 -11.15 7.10 15.76
CA ASP B 146 -10.54 6.42 14.62
C ASP B 146 -11.12 6.82 13.28
N SER B 147 -12.41 7.09 13.19
CA SER B 147 -13.02 7.42 11.93
C SER B 147 -13.58 8.83 11.96
N TYR B 148 -13.86 9.38 10.78
CA TYR B 148 -14.46 10.70 10.70
C TYR B 148 -15.26 10.82 9.42
N ARG B 149 -16.02 11.91 9.34
CA ARG B 149 -16.68 12.30 8.10
C ARG B 149 -16.96 13.79 8.20
N PHE B 150 -16.29 14.59 7.38
CA PHE B 150 -16.58 16.01 7.33
C PHE B 150 -17.94 16.22 6.69
N THR B 151 -18.86 16.84 7.43
CA THR B 151 -20.19 17.01 6.87
C THR B 151 -20.32 18.28 6.05
N SER B 152 -19.50 19.29 6.32
CA SER B 152 -19.45 20.54 5.58
C SER B 152 -18.23 21.28 6.06
N ILE B 153 -17.48 21.85 5.12
CA ILE B 153 -16.21 22.49 5.45
C ILE B 153 -15.95 23.61 4.47
N ARG B 154 -15.58 24.78 4.99
CA ARG B 154 -15.21 25.91 4.17
C ARG B 154 -13.93 26.51 4.74
N PHE B 155 -13.18 27.20 3.89
CA PHE B 155 -11.96 27.87 4.29
C PHE B 155 -12.13 29.35 4.00
N VAL B 156 -11.88 30.20 4.99
CA VAL B 156 -11.97 31.63 4.80
C VAL B 156 -10.58 32.22 4.90
N TYR B 157 -10.46 33.47 4.46
CA TYR B 157 -9.21 34.22 4.49
C TYR B 157 -9.57 35.64 4.92
N VAL B 158 -9.12 36.05 6.10
CA VAL B 158 -9.39 37.41 6.51
C VAL B 158 -8.14 38.24 6.27
N PRO B 159 -8.26 39.52 5.97
CA PRO B 159 -7.08 40.33 5.74
C PRO B 159 -6.41 40.73 7.03
N LEU B 160 -5.16 41.14 6.91
CA LEU B 160 -4.42 41.73 8.00
C LEU B 160 -3.63 42.96 7.60
N CYS B 161 -3.33 43.14 6.33
CA CYS B 161 -2.43 44.18 5.89
C CYS B 161 -3.19 45.47 5.63
N ALA B 162 -2.45 46.51 5.28
CA ALA B 162 -3.09 47.74 4.86
C ALA B 162 -3.68 47.57 3.47
N THR B 163 -4.61 48.45 3.14
CA THR B 163 -5.29 48.37 1.86
C THR B 163 -4.43 48.86 0.70
N THR B 164 -3.24 49.37 0.96
CA THR B 164 -2.37 49.89 -0.07
C THR B 164 -1.37 48.87 -0.58
N GLU B 165 -1.44 47.62 -0.13
CA GLU B 165 -0.45 46.63 -0.50
C GLU B 165 -0.98 45.74 -1.60
N THR B 166 -0.21 45.63 -2.68
CA THR B 166 -0.60 44.82 -3.81
C THR B 166 -0.43 43.34 -3.48
N GLY B 167 -1.10 42.51 -4.25
CA GLY B 167 -1.04 41.08 -4.03
C GLY B 167 -2.17 40.36 -4.72
N ARG B 168 -2.02 39.05 -4.84
CA ARG B 168 -3.10 38.15 -5.19
C ARG B 168 -2.96 36.92 -4.32
N VAL B 169 -3.95 36.66 -3.48
CA VAL B 169 -3.98 35.41 -2.75
C VAL B 169 -5.01 34.51 -3.39
N SER B 170 -4.82 33.21 -3.24
CA SER B 170 -5.68 32.25 -3.89
C SER B 170 -5.79 31.03 -3.00
N LEU B 171 -6.93 30.36 -3.10
CA LEU B 171 -7.20 29.18 -2.27
C LEU B 171 -7.75 28.12 -3.19
N PHE B 172 -7.21 26.90 -3.11
CA PHE B 172 -7.65 25.86 -4.01
C PHE B 172 -7.54 24.51 -3.32
N TRP B 173 -8.10 23.50 -3.98
CA TRP B 173 -8.30 22.20 -3.36
C TRP B 173 -8.31 21.10 -4.39
N ASP B 174 -7.34 20.19 -4.34
CA ASP B 174 -7.34 19.00 -5.18
C ASP B 174 -7.86 17.84 -4.35
N LYS B 175 -8.60 16.93 -4.96
CA LYS B 175 -9.30 15.95 -4.15
C LYS B 175 -8.49 14.70 -3.86
N ASP B 176 -7.25 14.62 -4.31
CA ASP B 176 -6.37 13.57 -3.86
C ASP B 176 -5.10 14.19 -3.28
N SER B 177 -4.52 13.48 -2.32
CA SER B 177 -3.55 14.12 -1.45
C SER B 177 -2.16 14.22 -2.04
N GLN B 178 -1.80 13.40 -3.03
CA GLN B 178 -0.43 13.52 -3.51
C GLN B 178 -0.33 13.69 -5.02
N ASP B 179 -1.29 14.37 -5.64
CA ASP B 179 -0.96 15.03 -6.89
C ASP B 179 0.02 16.16 -6.59
N PRO B 180 1.02 16.38 -7.43
CA PRO B 180 2.02 17.40 -7.15
C PRO B 180 1.43 18.81 -7.19
N LEU B 181 1.99 19.67 -6.36
CA LEU B 181 1.55 21.05 -6.30
C LEU B 181 2.01 21.81 -7.54
N PRO B 182 1.28 22.84 -7.97
CA PRO B 182 1.70 23.59 -9.15
C PRO B 182 2.95 24.41 -8.88
N VAL B 183 3.56 24.88 -9.95
CA VAL B 183 4.83 25.57 -9.88
C VAL B 183 4.80 26.95 -10.50
N ASP B 184 3.81 27.28 -11.32
CA ASP B 184 3.67 28.62 -11.87
C ASP B 184 2.25 29.12 -11.60
N ARG B 185 2.07 30.43 -11.75
CA ARG B 185 0.77 31.00 -11.44
C ARG B 185 -0.25 30.69 -12.52
N ALA B 186 0.18 30.27 -13.70
CA ALA B 186 -0.76 29.97 -14.76
C ALA B 186 -1.53 28.69 -14.51
N ALA B 187 -1.00 27.79 -13.68
CA ALA B 187 -1.60 26.49 -13.51
C ALA B 187 -2.86 26.55 -12.66
N LEU B 188 -2.89 27.42 -11.66
CA LEU B 188 -3.94 27.33 -10.66
C LEU B 188 -5.28 27.87 -11.14
N SER B 189 -5.36 28.37 -12.37
CA SER B 189 -6.66 28.68 -12.92
C SER B 189 -7.42 27.42 -13.32
N SER B 190 -6.73 26.31 -13.47
CA SER B 190 -7.35 25.09 -13.93
C SER B 190 -8.02 24.28 -12.83
N TYR B 191 -7.76 24.61 -11.56
CA TYR B 191 -8.41 23.88 -10.48
C TYR B 191 -9.90 24.22 -10.40
N GLY B 192 -10.71 23.19 -10.24
CA GLY B 192 -12.16 23.38 -10.30
C GLY B 192 -12.75 24.08 -9.11
N HIS B 193 -12.03 24.12 -7.99
CA HIS B 193 -12.52 24.77 -6.77
C HIS B 193 -11.45 25.78 -6.36
N SER B 194 -11.53 26.98 -6.90
CA SER B 194 -10.55 28.00 -6.59
C SER B 194 -11.25 29.32 -6.38
N ASN B 195 -10.58 30.22 -5.68
CA ASN B 195 -11.13 31.54 -5.44
C ASN B 195 -9.96 32.46 -5.15
N GLU B 196 -9.71 33.40 -6.03
CA GLU B 196 -8.64 34.37 -5.82
C GLU B 196 -9.21 35.61 -5.13
N GLY B 197 -8.42 36.67 -5.07
CA GLY B 197 -8.86 37.90 -4.47
C GLY B 197 -7.69 38.75 -4.05
N PRO B 198 -7.93 40.03 -3.81
CA PRO B 198 -6.88 40.91 -3.36
C PRO B 198 -6.58 40.66 -1.90
N PRO B 199 -5.38 40.97 -1.42
CA PRO B 199 -5.04 40.70 -0.02
C PRO B 199 -5.64 41.67 0.98
N TRP B 200 -6.53 42.56 0.57
CA TRP B 200 -7.23 43.43 1.50
C TRP B 200 -8.71 43.13 1.61
N ALA B 201 -9.17 42.01 1.09
CA ALA B 201 -10.59 41.67 1.16
C ALA B 201 -10.74 40.21 1.57
N GLU B 202 -11.90 39.90 2.14
CA GLU B 202 -12.15 38.54 2.58
C GLU B 202 -12.43 37.64 1.39
N THR B 203 -12.16 36.35 1.57
CA THR B 203 -12.29 35.38 0.50
C THR B 203 -12.59 34.03 1.10
N THR B 204 -13.64 33.38 0.62
CA THR B 204 -14.00 32.05 1.08
C THR B 204 -13.92 31.08 -0.08
N LEU B 205 -13.94 29.79 0.25
CA LEU B 205 -14.31 28.77 -0.72
C LEU B 205 -14.86 27.59 0.03
N ASN B 206 -15.83 26.93 -0.58
CA ASN B 206 -16.30 25.68 -0.05
C ASN B 206 -15.42 24.56 -0.56
N VAL B 207 -15.63 23.36 -0.03
CA VAL B 207 -15.01 22.17 -0.57
C VAL B 207 -15.99 21.03 -0.38
N PRO B 208 -16.36 20.33 -1.45
CA PRO B 208 -17.46 19.38 -1.37
C PRO B 208 -17.10 18.13 -0.61
N THR B 209 -18.08 17.62 0.12
CA THR B 209 -17.93 16.46 0.96
C THR B 209 -18.64 15.27 0.34
N ASP B 210 -18.52 14.13 1.00
CA ASP B 210 -19.18 12.92 0.55
C ASP B 210 -19.49 12.04 1.76
N GLY B 211 -20.50 11.20 1.61
CA GLY B 211 -20.96 10.43 2.75
C GLY B 211 -20.24 9.12 2.97
N LYS B 212 -18.91 9.15 3.02
CA LYS B 212 -18.15 7.96 3.35
C LYS B 212 -17.21 8.28 4.49
N GLN B 213 -16.80 7.24 5.20
CA GLN B 213 -15.99 7.39 6.40
C GLN B 213 -14.56 6.93 6.11
N ARG B 214 -13.60 7.60 6.71
CA ARG B 214 -12.20 7.30 6.45
C ARG B 214 -11.49 7.06 7.77
N PHE B 215 -10.17 6.94 7.77
CA PHE B 215 -9.40 6.72 8.99
C PHE B 215 -8.59 7.95 9.34
N VAL B 216 -8.09 7.98 10.59
CA VAL B 216 -7.38 9.19 11.03
C VAL B 216 -5.88 8.98 11.06
N THR B 217 -5.43 7.75 11.22
CA THR B 217 -4.01 7.50 11.44
C THR B 217 -3.26 7.62 10.13
N ASP B 218 -2.15 8.37 10.14
CA ASP B 218 -1.37 8.58 8.93
C ASP B 218 0.10 8.24 9.09
N SER B 219 0.51 7.65 10.21
CA SER B 219 1.90 7.25 10.35
C SER B 219 2.25 6.02 9.53
N ASN B 220 1.24 5.29 9.04
CA ASN B 220 1.49 4.00 8.45
C ASN B 220 1.01 3.89 7.00
N THR B 221 -0.03 4.61 6.63
CA THR B 221 -0.68 4.40 5.34
C THR B 221 0.17 5.00 4.23
N THR B 222 0.94 4.15 3.59
CA THR B 222 1.57 4.45 2.31
C THR B 222 0.92 3.48 1.32
N ASP B 223 0.05 4.00 0.45
CA ASP B 223 -0.19 5.43 0.22
C ASP B 223 -1.20 6.12 1.12
N ARG B 224 -0.99 7.41 1.30
CA ARG B 224 -1.85 8.22 2.15
C ARG B 224 -2.85 8.95 1.26
N LYS B 225 -3.69 8.17 0.65
CA LYS B 225 -4.43 8.73 -0.47
C LYS B 225 -5.92 8.51 -0.35
N LEU B 226 -6.34 7.37 0.18
CA LEU B 226 -7.74 7.08 0.38
C LEU B 226 -8.19 7.39 1.79
N VAL B 227 -7.28 7.82 2.66
CA VAL B 227 -7.62 8.14 4.03
C VAL B 227 -7.84 9.63 4.22
N ASP B 228 -7.86 10.40 3.15
CA ASP B 228 -8.01 11.85 3.24
C ASP B 228 -9.18 12.30 2.40
N LEU B 229 -9.69 13.46 2.72
CA LEU B 229 -10.75 14.03 1.92
C LEU B 229 -10.21 14.96 0.85
N GLY B 230 -8.94 15.32 0.92
CA GLY B 230 -8.36 16.07 -0.18
C GLY B 230 -7.02 16.66 0.17
N GLN B 231 -6.76 17.85 -0.37
CA GLN B 231 -5.51 18.54 -0.15
C GLN B 231 -5.76 20.01 -0.40
N PHE B 232 -5.41 20.84 0.55
CA PHE B 232 -5.61 22.27 0.47
C PHE B 232 -4.28 22.97 0.30
N ALA B 233 -4.27 24.04 -0.49
CA ALA B 233 -3.06 24.81 -0.62
C ALA B 233 -3.44 26.23 -1.01
N PHE B 234 -2.68 27.19 -0.52
CA PHE B 234 -2.81 28.56 -0.93
C PHE B 234 -1.56 28.98 -1.68
N ALA B 235 -1.67 30.10 -2.38
CA ALA B 235 -0.56 30.61 -3.15
C ALA B 235 -0.71 32.10 -3.29
N THR B 236 0.42 32.78 -3.50
CA THR B 236 0.45 34.22 -3.66
C THR B 236 1.39 34.60 -4.80
N TYR B 237 0.98 35.59 -5.61
CA TYR B 237 1.80 35.91 -6.78
C TYR B 237 1.67 37.42 -7.10
N ALA B 238 2.51 38.21 -6.44
CA ALA B 238 2.74 39.62 -6.73
C ALA B 238 3.85 40.11 -5.83
N GLY B 239 4.08 41.41 -5.83
CA GLY B 239 4.81 42.06 -4.77
C GLY B 239 3.90 42.36 -3.60
N GLY B 240 4.31 43.31 -2.76
CA GLY B 240 5.56 44.03 -2.91
C GLY B 240 6.29 44.16 -1.60
N SER B 241 6.13 43.16 -0.74
CA SER B 241 6.78 43.18 0.56
C SER B 241 7.07 41.75 0.99
N ASN B 242 7.52 41.61 2.23
CA ASN B 242 7.80 40.32 2.84
C ASN B 242 7.14 40.22 4.19
N ASN B 243 5.95 40.79 4.31
CA ASN B 243 5.26 40.90 5.58
C ASN B 243 4.08 39.95 5.61
N GLN B 244 3.64 39.63 6.82
CA GLN B 244 2.45 38.80 7.00
C GLN B 244 1.22 39.58 6.57
N ILE B 245 0.52 39.09 5.56
CA ILE B 245 -0.58 39.86 5.00
C ILE B 245 -1.91 39.16 5.19
N GLY B 246 -2.01 38.32 6.20
CA GLY B 246 -3.28 37.71 6.52
C GLY B 246 -3.08 36.33 7.12
N ASP B 247 -4.20 35.64 7.29
CA ASP B 247 -4.20 34.26 7.74
C ASP B 247 -5.50 33.62 7.26
N ILE B 248 -5.57 32.31 7.40
CA ILE B 248 -6.70 31.54 6.90
C ILE B 248 -7.30 30.72 8.02
N TYR B 249 -8.62 30.59 7.99
CA TYR B 249 -9.37 29.91 9.04
C TYR B 249 -10.26 28.87 8.40
N VAL B 250 -10.48 27.77 9.11
CA VAL B 250 -11.39 26.74 8.67
C VAL B 250 -12.73 26.93 9.37
N GLU B 251 -13.76 26.26 8.87
CA GLU B 251 -15.07 26.26 9.51
C GLU B 251 -15.74 24.96 9.11
N TYR B 252 -15.70 23.97 9.99
CA TYR B 252 -16.01 22.60 9.61
C TYR B 252 -17.17 22.04 10.42
N GLY B 253 -17.42 20.75 10.17
CA GLY B 253 -18.29 19.93 10.98
C GLY B 253 -17.93 18.47 10.77
N VAL B 254 -17.66 17.74 11.85
CA VAL B 254 -17.06 16.41 11.77
C VAL B 254 -18.04 15.43 12.40
N GLU B 255 -17.87 14.14 12.09
CA GLU B 255 -18.58 13.07 12.78
C GLU B 255 -17.60 11.95 13.12
N PHE B 256 -17.12 11.90 14.34
CA PHE B 256 -16.24 10.81 14.73
C PHE B 256 -17.07 9.61 15.18
N SER B 257 -16.40 8.46 15.31
CA SER B 257 -17.04 7.23 15.79
C SER B 257 -15.99 6.23 16.25
N GLU B 258 -16.43 5.29 17.10
CA GLU B 258 -15.65 4.18 17.68
C GLU B 258 -14.27 4.58 18.19
N ALA B 259 -14.26 5.27 19.33
CA ALA B 259 -13.08 5.82 19.97
C ALA B 259 -11.98 4.80 20.22
N GLN B 260 -10.75 5.27 20.17
CA GLN B 260 -9.53 4.58 20.55
C GLN B 260 -8.97 5.27 21.78
N PRO B 261 -8.03 4.66 22.52
CA PRO B 261 -7.49 5.33 23.70
C PRO B 261 -6.48 6.41 23.33
N ALA B 262 -6.49 7.47 24.14
CA ALA B 262 -5.68 8.64 23.88
C ALA B 262 -4.22 8.35 24.18
N GLY B 263 -3.40 8.30 23.14
CA GLY B 263 -1.98 8.08 23.34
C GLY B 263 -1.20 9.34 23.65
N GLY B 264 -1.77 10.49 23.36
CA GLY B 264 -1.12 11.76 23.57
C GLY B 264 -0.86 12.48 22.27
N LEU B 265 -0.13 13.58 22.37
CA LEU B 265 0.19 14.39 21.20
C LEU B 265 1.69 14.69 21.11
N THR B 266 2.51 13.90 21.79
CA THR B 266 3.94 14.19 21.81
C THR B 266 4.57 13.81 20.48
N GLN B 267 5.65 14.50 20.14
CA GLN B 267 6.51 14.05 19.06
C GLN B 267 7.77 13.38 19.58
N TYR B 268 8.51 12.80 18.66
CA TYR B 268 9.84 12.28 18.95
C TYR B 268 10.66 12.45 17.69
N ILE B 269 11.45 13.52 17.63
CA ILE B 269 12.20 13.86 16.44
C ILE B 269 13.66 13.53 16.72
N THR B 270 14.12 12.41 16.23
CA THR B 270 15.55 12.16 16.24
C THR B 270 16.18 12.82 15.01
N LYS B 271 17.51 12.86 14.99
CA LYS B 271 18.26 13.48 13.91
C LYS B 271 19.72 13.08 14.08
N SER B 272 20.41 12.87 12.97
CA SER B 272 21.85 12.68 12.98
C SER B 272 22.43 13.31 11.73
N VAL B 273 23.75 13.26 11.61
CA VAL B 273 24.43 13.86 10.47
C VAL B 273 24.38 12.84 9.34
N GLY B 274 23.27 12.84 8.63
CA GLY B 274 22.99 11.78 7.68
C GLY B 274 21.53 11.71 7.31
N ALA B 275 20.94 10.53 7.45
CA ALA B 275 19.57 10.31 7.03
C ALA B 275 18.59 11.09 7.89
N THR B 276 17.53 11.57 7.26
CA THR B 276 16.53 12.42 7.88
C THR B 276 15.16 11.78 7.71
N ALA B 277 14.31 11.84 8.74
CA ALA B 277 14.61 12.33 10.08
C ALA B 277 14.00 11.39 11.11
N SER B 278 13.12 10.49 10.63
CA SER B 278 12.44 9.47 11.44
C SER B 278 11.61 10.10 12.56
N THR B 279 10.58 10.83 12.12
CA THR B 279 9.60 11.40 13.03
C THR B 279 8.68 10.32 13.59
N THR B 280 7.93 10.70 14.63
CA THR B 280 6.91 9.83 15.24
C THR B 280 5.91 10.71 15.96
N GLY B 281 4.64 10.62 15.58
CA GLY B 281 3.60 11.35 16.25
C GLY B 281 2.87 12.28 15.30
N PRO B 282 2.43 13.43 15.79
CA PRO B 282 1.84 14.44 14.90
C PRO B 282 2.96 15.19 14.19
N SER B 283 2.57 16.07 13.28
CA SER B 283 3.54 16.89 12.57
C SER B 283 3.35 18.33 13.02
N TYR B 284 3.93 18.65 14.17
CA TYR B 284 4.15 20.04 14.54
C TYR B 284 5.33 20.59 13.78
N VAL B 285 6.45 19.86 13.81
CA VAL B 285 7.72 20.37 13.34
C VAL B 285 8.67 19.20 13.16
N VAL B 286 9.49 19.21 12.09
CA VAL B 286 9.27 19.51 10.66
C VAL B 286 10.51 18.81 10.13
N ASP B 287 10.63 18.52 8.84
CA ASP B 287 11.91 17.98 8.37
C ASP B 287 12.86 19.11 7.94
N ALA B 288 13.08 20.06 8.84
CA ALA B 288 14.00 21.17 8.59
C ALA B 288 14.49 21.66 9.96
N ASN B 289 15.65 21.16 10.38
CA ASN B 289 16.31 21.63 11.60
C ASN B 289 17.81 21.42 11.45
N ILE B 290 18.51 22.49 11.14
CA ILE B 290 19.88 22.41 10.65
C ILE B 290 20.84 22.16 11.82
N ASN B 291 21.71 21.17 11.66
CA ASN B 291 22.77 20.86 12.63
C ASN B 291 23.83 20.00 11.97
N VAL B 292 25.10 20.36 12.12
CA VAL B 292 26.10 19.39 11.68
C VAL B 292 27.11 19.01 12.76
N ASN B 293 28.12 19.83 13.00
CA ASN B 293 29.06 19.54 14.07
C ASN B 293 29.53 20.82 14.71
N ALA B 294 29.48 21.90 13.93
CA ALA B 294 29.99 23.22 14.29
C ALA B 294 28.99 23.92 15.20
N THR B 295 29.08 25.24 15.30
CA THR B 295 28.10 25.98 16.10
C THR B 295 26.72 25.93 15.45
N THR B 296 26.11 24.74 15.47
CA THR B 296 25.04 24.32 14.56
C THR B 296 24.17 23.31 15.30
N ALA B 297 23.12 23.79 15.94
CA ALA B 297 22.00 22.95 16.37
C ALA B 297 20.78 23.86 16.38
N ASN B 298 20.08 23.92 15.26
CA ASN B 298 19.06 24.93 15.04
C ASN B 298 17.71 24.26 14.91
N VAL B 299 16.71 24.77 15.62
CA VAL B 299 15.32 24.34 15.49
C VAL B 299 14.47 25.59 15.52
N GLU B 300 13.65 25.79 14.50
CA GLU B 300 12.60 26.80 14.55
C GLU B 300 11.27 26.16 14.19
N PHE B 301 10.19 26.83 14.55
CA PHE B 301 8.87 26.30 14.32
C PHE B 301 8.20 27.07 13.20
N PHE B 302 7.07 26.53 12.75
CA PHE B 302 6.21 27.27 11.83
C PHE B 302 4.75 27.15 12.17
N SER B 303 4.40 26.53 13.20
CA SER B 303 3.03 26.55 13.65
C SER B 303 2.89 27.44 14.88
N PRO B 304 1.76 28.11 15.04
CA PRO B 304 1.57 28.94 16.23
C PRO B 304 1.29 28.08 17.44
N GLY B 305 1.16 28.75 18.58
CA GLY B 305 0.76 28.09 19.81
C GLY B 305 1.86 28.06 20.84
N THR B 306 1.47 27.66 22.04
CA THR B 306 2.38 27.55 23.16
C THR B 306 2.76 26.09 23.40
N PHE B 307 4.03 25.86 23.72
CA PHE B 307 4.58 24.53 23.63
C PHE B 307 5.46 24.20 24.82
N LEU B 308 5.73 22.90 24.99
CA LEU B 308 6.64 22.37 25.98
C LEU B 308 7.59 21.40 25.29
N ILE B 309 8.87 21.71 25.29
CA ILE B 309 9.86 20.90 24.58
C ILE B 309 10.92 20.41 25.54
N THR B 310 11.37 19.18 25.33
CA THR B 310 12.56 18.65 25.97
C THR B 310 13.51 18.22 24.87
N ALA B 311 14.80 18.24 25.18
CA ALA B 311 15.80 17.92 24.16
C ALA B 311 17.04 17.35 24.81
N VAL B 312 17.60 16.33 24.19
CA VAL B 312 18.92 15.83 24.57
C VAL B 312 19.83 15.95 23.36
N VAL B 313 21.11 16.17 23.64
CA VAL B 313 22.13 16.27 22.60
C VAL B 313 23.23 15.27 22.94
N TYR B 314 24.19 15.15 22.02
CA TYR B 314 25.33 14.28 22.23
C TYR B 314 26.55 14.84 21.51
N GLY B 315 27.72 14.36 21.92
CA GLY B 315 28.97 14.73 21.29
C GLY B 315 29.94 15.34 22.28
N SER B 316 30.74 16.28 21.78
CA SER B 316 31.68 17.04 22.61
C SER B 316 30.97 18.22 23.25
N THR B 317 31.74 19.20 23.74
CA THR B 317 31.25 20.30 24.56
C THR B 317 30.11 21.09 23.92
N ILE B 318 29.00 21.20 24.64
CA ILE B 318 27.80 21.87 24.17
C ILE B 318 27.68 23.20 24.92
N ALA B 319 27.34 24.25 24.19
CA ALA B 319 27.04 25.53 24.82
C ALA B 319 25.56 25.62 25.18
N SER B 320 25.22 26.67 25.91
CA SER B 320 23.84 26.87 26.34
C SER B 320 22.97 27.34 25.18
N PRO B 321 21.70 26.95 25.16
CA PRO B 321 20.77 27.48 24.15
C PRO B 321 20.44 28.94 24.41
N SER B 322 20.83 29.80 23.48
CA SER B 322 20.50 31.22 23.53
C SER B 322 19.27 31.42 22.66
N MET B 323 18.10 31.41 23.27
CA MET B 323 16.86 31.41 22.51
C MET B 323 16.51 32.80 21.99
N ALA B 324 17.05 33.85 22.62
CA ALA B 324 16.67 35.22 22.30
C ALA B 324 17.17 35.61 20.90
N GLY B 325 16.49 36.59 20.33
CA GLY B 325 16.81 37.09 19.01
C GLY B 325 15.95 36.56 17.90
N GLY B 326 15.25 35.45 18.13
CA GLY B 326 14.44 34.87 17.07
C GLY B 326 12.97 34.85 17.41
N ASN B 327 12.21 34.02 16.70
CA ASN B 327 10.79 33.90 16.95
C ASN B 327 10.54 33.18 18.27
N GLY B 328 9.41 33.48 18.89
CA GLY B 328 9.05 32.80 20.11
C GLY B 328 9.67 33.38 21.35
N THR B 329 8.88 33.54 22.41
CA THR B 329 9.35 34.16 23.63
C THR B 329 9.24 33.20 24.81
N LEU B 330 10.21 33.30 25.72
CA LEU B 330 10.27 32.44 26.88
C LEU B 330 9.23 32.86 27.90
N ILE B 331 8.69 31.89 28.63
CA ILE B 331 7.61 32.18 29.56
C ILE B 331 7.95 31.56 30.92
N GLY B 332 9.00 30.76 30.97
CA GLY B 332 9.35 30.07 32.19
C GLY B 332 10.69 30.40 32.79
N ASP B 333 11.57 29.40 32.89
CA ASP B 333 12.81 29.55 33.62
C ASP B 333 14.00 29.10 32.79
N LEU B 334 13.77 28.19 31.84
CA LEU B 334 14.76 27.53 30.98
C LEU B 334 15.86 26.88 31.82
N PRO B 335 15.61 25.73 32.45
CA PRO B 335 16.69 25.02 33.13
C PRO B 335 17.55 24.28 32.12
N VAL B 336 18.82 24.10 32.48
CA VAL B 336 19.80 23.51 31.58
C VAL B 336 20.94 22.94 32.42
N VAL B 337 21.55 21.87 31.92
CA VAL B 337 22.65 21.22 32.62
C VAL B 337 23.48 20.49 31.58
N GLY B 338 24.73 20.22 31.91
CA GLY B 338 25.60 19.42 31.07
C GLY B 338 26.64 20.26 30.36
N GLY B 339 27.26 19.65 29.36
CA GLY B 339 28.25 20.36 28.57
C GLY B 339 29.53 19.59 28.29
N SER B 340 29.54 18.29 28.55
CA SER B 340 30.71 17.47 28.28
C SER B 340 30.42 16.34 27.31
N ASN B 341 29.34 15.60 27.51
CA ASN B 341 29.00 14.51 26.61
C ASN B 341 27.57 14.64 26.14
N ALA B 342 26.74 15.24 26.97
CA ALA B 342 25.32 15.40 26.68
C ALA B 342 24.81 16.57 27.49
N SER B 343 23.72 17.16 27.02
CA SER B 343 23.08 18.25 27.74
C SER B 343 21.58 18.18 27.53
N ILE B 344 20.86 18.16 28.64
CA ILE B 344 19.40 18.02 28.62
C ILE B 344 18.85 19.35 29.09
N TRP B 345 17.76 19.79 28.45
CA TRP B 345 17.19 21.09 28.79
C TRP B 345 15.73 21.10 28.40
N THR B 346 14.90 21.64 29.28
CA THR B 346 13.48 21.79 29.01
C THR B 346 13.14 23.26 28.91
N CYS B 347 12.02 23.53 28.25
CA CYS B 347 11.60 24.89 28.01
C CYS B 347 10.10 24.89 27.78
N VAL B 348 9.47 25.98 28.18
CA VAL B 348 8.08 26.24 27.84
C VAL B 348 8.00 27.65 27.29
N PHE B 349 7.28 27.81 26.19
CA PHE B 349 7.33 29.05 25.43
C PHE B 349 6.12 29.09 24.52
N SER B 350 6.01 30.15 23.74
CA SER B 350 4.97 30.29 22.74
C SER B 350 5.58 31.02 21.56
N THR B 351 5.16 30.65 20.36
CA THR B 351 5.70 31.27 19.17
C THR B 351 4.58 31.64 18.21
N THR B 352 4.77 32.74 17.50
CA THR B 352 3.81 33.19 16.51
C THR B 352 4.31 32.81 15.15
N GLY B 353 2.78 29.70 11.82
CA GLY B 353 3.57 30.70 12.50
C GLY B 353 4.34 31.58 11.53
N VAL B 354 4.81 32.72 12.01
CA VAL B 354 5.55 33.64 11.15
C VAL B 354 7.03 33.45 11.46
N SER B 355 7.86 33.72 10.47
CA SER B 355 9.27 33.44 10.56
C SER B 355 10.07 34.68 10.20
N THR B 356 11.37 34.57 10.40
CA THR B 356 12.34 35.59 10.07
C THR B 356 13.70 34.90 9.95
N SER B 357 14.76 35.69 9.93
CA SER B 357 16.09 35.13 10.05
C SER B 357 16.36 34.81 11.53
N VAL B 358 17.57 34.32 11.79
CA VAL B 358 18.10 33.88 13.10
C VAL B 358 17.09 33.04 13.86
N PRO B 359 16.99 31.74 13.54
CA PRO B 359 15.89 30.89 14.06
C PRO B 359 15.90 30.67 15.56
N THR B 360 14.96 29.84 16.03
CA THR B 360 14.42 29.97 17.39
C THR B 360 15.42 29.66 18.49
N PHE B 361 16.04 28.47 18.47
CA PHE B 361 16.83 28.07 19.62
C PHE B 361 18.35 28.22 19.43
N THR B 362 18.91 27.54 18.43
CA THR B 362 20.30 27.73 17.95
C THR B 362 21.34 27.47 19.04
N GLN B 363 21.46 26.21 19.44
CA GLN B 363 22.60 25.81 20.25
C GLN B 363 23.86 25.75 19.41
N ALA B 364 24.99 26.11 20.01
CA ALA B 364 26.26 26.07 19.29
C ALA B 364 26.91 24.68 19.33
N GLY B 365 27.38 24.26 20.49
CA GLY B 365 28.16 23.04 20.60
C GLY B 365 29.54 23.15 19.93
N THR B 366 30.30 22.06 20.05
CA THR B 366 31.65 21.99 19.48
C THR B 366 31.80 20.90 18.44
N GLY B 367 31.41 19.67 18.76
CA GLY B 367 31.34 18.58 17.80
C GLY B 367 30.23 17.65 18.21
N LEU B 368 29.28 17.41 17.32
CA LEU B 368 28.02 16.81 17.70
C LEU B 368 27.75 15.53 16.92
N THR B 369 26.93 14.67 17.51
CA THR B 369 26.57 13.40 16.89
C THR B 369 25.09 13.33 16.54
N ARG B 370 24.21 13.49 17.53
CA ARG B 370 22.79 13.33 17.29
C ARG B 370 22.02 14.22 18.26
N VAL B 371 20.72 14.33 18.03
CA VAL B 371 19.86 15.18 18.85
C VAL B 371 18.46 14.58 18.84
N GLN B 372 17.71 14.84 19.91
CA GLN B 372 16.34 14.36 20.04
C GLN B 372 15.45 15.49 20.52
N TYR B 373 14.17 15.42 20.18
CA TYR B 373 13.21 16.44 20.57
C TYR B 373 11.86 15.81 20.83
N THR B 374 11.22 16.22 21.92
CA THR B 374 9.84 15.85 22.22
C THR B 374 9.06 17.14 22.34
N ILE B 375 8.02 17.29 21.51
CA ILE B 375 7.27 18.53 21.43
C ILE B 375 5.84 18.24 21.80
N THR B 376 5.32 18.93 22.81
CA THR B 376 3.92 18.85 23.19
C THR B 376 3.31 20.24 23.15
N ARG B 377 2.00 20.28 23.00
CA ARG B 377 1.24 21.53 23.05
C ARG B 377 0.53 21.60 24.39
N VAL B 378 0.81 22.65 25.16
CA VAL B 378 0.24 22.79 26.50
C VAL B 378 0.23 24.28 26.84
N ASN B 379 -0.65 24.65 27.77
CA ASN B 379 -1.00 26.06 27.99
C ASN B 379 0.07 26.76 28.81
N SER B 380 -0.26 27.94 29.33
CA SER B 380 0.73 28.82 29.91
C SER B 380 0.90 28.68 31.41
N GLN B 381 -0.05 28.05 32.10
CA GLN B 381 0.08 27.90 33.55
C GLN B 381 1.16 26.92 33.92
N THR B 382 1.47 25.98 33.05
CA THR B 382 2.45 24.94 33.32
C THR B 382 3.84 25.40 32.94
N ALA B 383 4.30 26.44 33.60
CA ALA B 383 5.63 26.98 33.37
C ALA B 383 6.55 26.55 34.49
N TYR B 384 7.81 26.31 34.15
CA TYR B 384 8.82 26.07 35.17
C TYR B 384 9.04 27.35 35.97
N GLN B 385 8.68 27.33 37.24
CA GLN B 385 8.81 28.52 38.06
C GLN B 385 10.27 28.73 38.45
N VAL B 386 10.57 29.96 38.87
CA VAL B 386 11.94 30.33 39.15
C VAL B 386 12.28 30.06 40.60
N ASN C 61 -27.15 -17.77 -50.91
CA ASN C 61 -28.34 -17.47 -50.14
C ASN C 61 -28.93 -18.75 -49.55
N GLN C 62 -28.84 -19.84 -50.29
CA GLN C 62 -29.42 -21.12 -49.87
C GLN C 62 -28.30 -22.14 -49.67
N ILE C 63 -28.26 -22.72 -48.49
CA ILE C 63 -27.32 -23.81 -48.23
C ILE C 63 -27.89 -25.08 -48.82
N VAL C 64 -27.02 -25.95 -49.35
CA VAL C 64 -27.43 -27.20 -49.98
C VAL C 64 -27.91 -28.14 -48.89
N GLY C 65 -28.59 -29.22 -49.27
CA GLY C 65 -29.28 -30.06 -48.32
C GLY C 65 -28.36 -30.77 -47.34
N GLY C 66 -28.90 -31.13 -46.18
CA GLY C 66 -30.32 -31.04 -45.86
C GLY C 66 -30.79 -29.72 -45.27
N ILE C 67 -32.02 -29.73 -44.75
CA ILE C 67 -32.69 -28.50 -44.34
C ILE C 67 -32.88 -28.50 -42.83
N GLY C 68 -32.90 -27.29 -42.26
CA GLY C 68 -33.09 -27.13 -40.84
C GLY C 68 -31.95 -27.63 -39.99
N ALA C 69 -30.73 -27.59 -40.51
CA ALA C 69 -29.60 -28.19 -39.85
C ALA C 69 -28.60 -27.15 -39.44
N ILE C 70 -27.49 -27.62 -38.88
CA ILE C 70 -26.39 -26.77 -38.47
C ILE C 70 -25.33 -26.83 -39.55
N ALA C 71 -24.91 -25.67 -40.05
CA ALA C 71 -23.91 -25.60 -41.10
C ALA C 71 -22.68 -24.86 -40.60
N ALA C 72 -21.52 -25.37 -40.97
CA ALA C 72 -20.26 -24.73 -40.60
C ALA C 72 -19.60 -24.13 -41.82
N PRO C 73 -19.47 -22.82 -41.90
CA PRO C 73 -18.87 -22.19 -43.08
C PRO C 73 -17.37 -22.19 -42.97
N VAL C 74 -16.72 -21.63 -43.99
CA VAL C 74 -15.27 -21.56 -44.00
C VAL C 74 -14.78 -20.49 -43.05
N SER C 75 -15.44 -19.34 -43.01
CA SER C 75 -15.08 -18.29 -42.08
C SER C 75 -16.28 -17.40 -41.81
N ILE C 76 -16.36 -16.88 -40.60
CA ILE C 76 -17.30 -15.83 -40.26
C ILE C 76 -16.54 -14.73 -39.54
N THR C 77 -16.93 -13.48 -39.81
CA THR C 77 -16.21 -12.31 -39.33
C THR C 77 -17.13 -11.11 -39.46
N LYS C 78 -17.24 -10.31 -38.40
CA LYS C 78 -17.94 -9.04 -38.53
C LYS C 78 -17.05 -7.98 -39.13
N ARG C 79 -17.69 -7.05 -39.83
CA ARG C 79 -17.03 -5.88 -40.39
C ARG C 79 -17.33 -4.69 -39.49
N VAL C 80 -16.31 -3.92 -39.13
CA VAL C 80 -16.46 -2.86 -38.13
C VAL C 80 -16.11 -1.51 -38.73
N ARG C 81 -16.67 -0.46 -38.12
CA ARG C 81 -16.38 0.91 -38.52
C ARG C 81 -15.80 1.65 -37.33
N GLY C 82 -14.92 2.59 -37.62
CA GLY C 82 -14.28 3.39 -36.60
C GLY C 82 -15.14 4.54 -36.16
N MET C 83 -16.10 4.28 -35.29
CA MET C 83 -17.01 5.31 -34.83
C MET C 83 -16.28 6.36 -33.99
N ARG C 84 -16.73 7.60 -34.12
CA ARG C 84 -16.13 8.70 -33.38
C ARG C 84 -16.51 8.61 -31.91
N PRO C 85 -15.71 9.20 -31.02
CA PRO C 85 -16.16 9.36 -29.65
C PRO C 85 -17.25 10.40 -29.56
N SER C 86 -18.02 10.34 -28.51
CA SER C 86 -19.09 11.30 -28.32
C SER C 86 -19.15 11.70 -26.86
N PHE C 87 -19.25 13.00 -26.61
CA PHE C 87 -19.22 13.50 -25.25
C PHE C 87 -20.62 13.88 -24.80
N ARG C 88 -20.78 14.01 -23.49
CA ARG C 88 -22.02 14.49 -22.89
C ARG C 88 -21.69 14.95 -21.48
N GLN C 89 -22.20 16.11 -21.09
CA GLN C 89 -22.04 16.56 -19.72
C GLN C 89 -23.36 16.47 -18.99
N THR C 90 -23.29 16.23 -17.69
CA THR C 90 -24.48 16.08 -16.86
C THR C 90 -24.05 16.35 -15.43
N LYS C 91 -24.55 17.45 -14.86
CA LYS C 91 -24.34 17.83 -13.46
C LYS C 91 -22.87 17.98 -13.10
N GLY C 92 -22.07 18.45 -14.05
CA GLY C 92 -20.65 18.59 -13.79
C GLY C 92 -19.83 17.35 -14.04
N LYS C 93 -20.43 16.30 -14.60
CA LYS C 93 -19.71 15.08 -14.93
C LYS C 93 -19.72 14.90 -16.44
N VAL C 94 -18.55 14.67 -17.01
CA VAL C 94 -18.40 14.52 -18.45
C VAL C 94 -18.40 13.05 -18.80
N HIS C 95 -19.29 12.67 -19.72
CA HIS C 95 -19.55 11.28 -20.06
C HIS C 95 -19.15 11.03 -21.50
N ILE C 96 -18.31 10.02 -21.72
CA ILE C 96 -17.69 9.75 -23.01
C ILE C 96 -17.72 8.26 -23.30
N VAL C 97 -18.20 7.90 -24.49
CA VAL C 97 -18.31 6.52 -24.93
C VAL C 97 -17.54 6.35 -26.23
N HIS C 98 -16.83 5.23 -26.36
CA HIS C 98 -15.93 5.01 -27.48
C HIS C 98 -15.65 3.51 -27.58
N ARG C 99 -15.11 3.10 -28.72
CA ARG C 99 -14.72 1.71 -28.97
C ARG C 99 -13.35 1.69 -29.63
N GLU C 100 -12.45 0.87 -29.12
CA GLU C 100 -11.18 0.62 -29.80
C GLU C 100 -10.68 -0.76 -29.46
N LEU C 101 -9.62 -1.18 -30.15
CA LEU C 101 -9.03 -2.48 -29.92
C LEU C 101 -7.92 -2.40 -28.89
N VAL C 102 -7.45 -3.57 -28.47
CA VAL C 102 -6.37 -3.66 -27.48
C VAL C 102 -5.14 -4.38 -28.04
N THR C 103 -5.35 -5.52 -28.69
CA THR C 103 -4.28 -6.39 -29.16
C THR C 103 -4.91 -7.46 -30.04
N SER C 104 -4.06 -8.32 -30.57
CA SER C 104 -4.49 -9.49 -31.33
C SER C 104 -3.88 -10.72 -30.71
N VAL C 105 -4.73 -11.70 -30.41
CA VAL C 105 -4.29 -12.90 -29.71
C VAL C 105 -3.54 -13.82 -30.65
N ILE C 106 -2.36 -14.28 -30.23
CA ILE C 106 -1.56 -15.24 -30.99
C ILE C 106 -1.36 -16.46 -30.11
N ASN C 107 -1.37 -17.66 -30.72
CA ASN C 107 -1.28 -18.87 -29.92
C ASN C 107 -0.01 -19.66 -30.23
N LEU C 108 0.44 -20.40 -29.24
CA LEU C 108 1.45 -21.43 -29.41
C LEU C 108 0.78 -22.75 -29.69
N VAL C 109 1.59 -23.80 -29.81
CA VAL C 109 1.11 -25.16 -29.97
C VAL C 109 1.48 -25.95 -28.73
N GLY C 110 0.52 -26.69 -28.20
CA GLY C 110 0.75 -27.63 -27.11
C GLY C 110 1.18 -27.05 -25.78
N ASN C 111 1.01 -25.75 -25.59
CA ASN C 111 1.42 -25.12 -24.33
C ASN C 111 0.38 -24.11 -23.90
N PHE C 112 0.05 -24.16 -22.62
CA PHE C 112 -0.79 -23.13 -22.03
C PHE C 112 -0.03 -21.82 -21.97
N ARG C 113 -0.73 -20.73 -22.28
CA ARG C 113 -0.08 -19.42 -22.33
C ARG C 113 -1.16 -18.37 -22.23
N VAL C 114 -0.84 -17.27 -21.56
CA VAL C 114 -1.81 -16.24 -21.21
C VAL C 114 -1.23 -14.87 -21.54
N ASN C 115 -2.01 -14.05 -22.26
CA ASN C 115 -1.67 -12.68 -22.67
C ASN C 115 -0.37 -12.62 -23.45
N ASN C 116 -0.22 -13.54 -24.42
CA ASN C 116 0.79 -13.53 -25.47
C ASN C 116 2.22 -13.68 -24.99
N ASN C 117 2.46 -13.94 -23.72
CA ASN C 117 3.80 -14.28 -23.26
C ASN C 117 3.73 -15.25 -22.10
N VAL C 118 4.86 -15.89 -21.79
CA VAL C 118 4.86 -16.93 -20.78
C VAL C 118 5.14 -16.41 -19.37
N SER C 119 5.82 -15.27 -19.24
CA SER C 119 6.03 -14.70 -17.92
C SER C 119 4.76 -14.05 -17.40
N ALA C 120 3.98 -13.46 -18.32
CA ALA C 120 2.59 -13.02 -18.20
C ALA C 120 2.36 -11.78 -17.36
N GLN C 121 3.36 -11.37 -16.56
CA GLN C 121 3.56 -10.01 -16.04
C GLN C 121 2.29 -9.37 -15.46
N ILE C 122 1.94 -9.88 -14.27
CA ILE C 122 0.74 -9.59 -13.49
C ILE C 122 0.33 -8.11 -13.52
N GLY C 123 -0.93 -7.87 -13.82
CA GLY C 123 -1.38 -6.55 -14.25
C GLY C 123 -1.55 -6.51 -15.75
N GLN C 124 -1.02 -5.45 -16.38
CA GLN C 124 -0.71 -5.35 -17.81
C GLN C 124 -1.94 -5.26 -18.70
N PHE C 125 -3.11 -5.49 -18.15
CA PHE C 125 -4.36 -5.04 -18.71
C PHE C 125 -5.25 -4.54 -17.60
N ARG C 126 -4.62 -3.98 -16.57
CA ARG C 126 -5.26 -3.36 -15.42
C ARG C 126 -6.26 -2.32 -15.86
N ILE C 127 -7.55 -2.59 -15.64
CA ILE C 127 -8.59 -1.79 -16.26
C ILE C 127 -8.77 -0.51 -15.46
N ASN C 128 -8.35 0.60 -16.04
CA ASN C 128 -8.16 1.89 -15.39
C ASN C 128 -7.93 2.87 -16.53
N PRO C 129 -8.57 4.04 -16.54
CA PRO C 129 -8.36 4.98 -17.66
C PRO C 129 -6.95 5.52 -17.79
N SER C 130 -6.09 5.33 -16.82
CA SER C 130 -4.71 5.73 -17.00
C SER C 130 -3.87 4.69 -17.71
N ASN C 131 -4.41 3.49 -17.92
CA ASN C 131 -3.61 2.42 -18.49
C ASN C 131 -3.54 2.59 -20.00
N SER C 132 -2.33 2.80 -20.51
CA SER C 132 -2.16 2.95 -21.94
C SER C 132 -2.14 1.62 -22.67
N SER C 133 -1.90 0.53 -21.97
CA SER C 133 -1.77 -0.75 -22.63
C SER C 133 -3.12 -1.29 -23.10
N LEU C 134 -4.20 -0.88 -22.44
CA LEU C 134 -5.52 -1.32 -22.83
C LEU C 134 -6.22 -0.24 -23.66
N PHE C 135 -6.47 0.92 -23.07
CA PHE C 135 -7.06 2.01 -23.80
C PHE C 135 -5.95 2.76 -24.52
N THR C 136 -6.15 3.08 -25.79
CA THR C 136 -5.11 3.80 -26.52
C THR C 136 -5.47 5.24 -26.83
N TRP C 137 -6.71 5.63 -26.69
CA TRP C 137 -7.10 7.01 -26.91
C TRP C 137 -7.56 7.70 -25.65
N LEU C 138 -8.17 6.94 -24.74
CA LEU C 138 -8.63 7.47 -23.47
C LEU C 138 -7.56 8.12 -22.58
N PRO C 139 -6.37 7.53 -22.32
CA PRO C 139 -5.53 8.09 -21.25
C PRO C 139 -4.94 9.44 -21.53
N THR C 140 -4.83 9.86 -22.79
CA THR C 140 -4.28 11.18 -23.02
C THR C 140 -5.29 12.29 -22.77
N ILE C 141 -6.57 11.96 -22.59
CA ILE C 141 -7.54 12.94 -22.12
C ILE C 141 -8.07 12.60 -20.75
N ALA C 142 -7.71 11.44 -20.21
CA ALA C 142 -8.07 11.10 -18.86
C ALA C 142 -7.05 11.58 -17.85
N SER C 143 -5.98 12.20 -18.31
CA SER C 143 -5.03 12.81 -17.40
C SER C 143 -5.43 14.21 -16.99
N ASN C 144 -6.63 14.64 -17.36
CA ASN C 144 -7.15 15.93 -16.94
C ASN C 144 -8.18 15.82 -15.84
N PHE C 145 -8.33 14.64 -15.24
CA PHE C 145 -9.34 14.43 -14.23
C PHE C 145 -8.74 13.58 -13.13
N ASP C 146 -9.39 13.59 -11.97
CA ASP C 146 -8.94 12.80 -10.83
C ASP C 146 -9.93 11.76 -10.37
N SER C 147 -11.06 11.59 -11.06
CA SER C 147 -11.99 10.55 -10.66
C SER C 147 -12.77 10.08 -11.87
N TYR C 148 -13.19 8.81 -11.83
CA TYR C 148 -13.90 8.23 -12.95
C TYR C 148 -14.90 7.22 -12.43
N ARG C 149 -15.71 6.70 -13.35
CA ARG C 149 -16.63 5.61 -13.07
C ARG C 149 -17.07 5.02 -14.39
N PHE C 150 -16.94 3.71 -14.53
CA PHE C 150 -17.42 3.05 -15.73
C PHE C 150 -18.91 2.82 -15.62
N THR C 151 -19.65 3.18 -16.66
CA THR C 151 -21.08 2.97 -16.62
C THR C 151 -21.53 1.77 -17.43
N SER C 152 -20.71 1.31 -18.38
CA SER C 152 -21.00 0.19 -19.25
C SER C 152 -19.73 -0.20 -19.97
N ILE C 153 -19.32 -1.45 -19.89
CA ILE C 153 -18.11 -1.89 -20.57
C ILE C 153 -18.21 -3.36 -20.91
N ARG C 154 -17.90 -3.71 -22.16
CA ARG C 154 -17.86 -5.10 -22.58
C ARG C 154 -16.67 -5.31 -23.50
N PHE C 155 -16.16 -6.54 -23.49
CA PHE C 155 -15.05 -6.93 -24.33
C PHE C 155 -15.58 -7.85 -25.42
N VAL C 156 -15.32 -7.49 -26.68
CA VAL C 156 -15.83 -8.19 -27.83
C VAL C 156 -14.66 -8.84 -28.54
N TYR C 157 -14.77 -10.14 -28.79
CA TYR C 157 -13.77 -10.90 -29.51
C TYR C 157 -14.35 -11.21 -30.88
N VAL C 158 -13.61 -10.84 -31.93
CA VAL C 158 -14.04 -11.09 -33.30
C VAL C 158 -12.96 -11.89 -34.01
N PRO C 159 -13.29 -12.99 -34.66
CA PRO C 159 -12.27 -13.87 -35.23
C PRO C 159 -11.74 -13.34 -36.54
N LEU C 160 -10.56 -13.81 -36.91
CA LEU C 160 -10.06 -13.50 -38.24
C LEU C 160 -9.33 -14.66 -38.88
N CYS C 161 -9.50 -15.87 -38.37
CA CYS C 161 -8.88 -17.04 -38.97
C CYS C 161 -9.94 -17.90 -39.63
N ALA C 162 -9.48 -18.95 -40.31
CA ALA C 162 -10.39 -19.87 -40.96
C ALA C 162 -10.96 -20.84 -39.94
N THR C 163 -11.90 -21.66 -40.41
CA THR C 163 -12.46 -22.69 -39.54
C THR C 163 -11.45 -23.78 -39.26
N THR C 164 -10.50 -24.00 -40.15
CA THR C 164 -9.51 -25.04 -39.96
C THR C 164 -8.47 -24.73 -38.90
N GLU C 165 -8.51 -23.54 -38.29
CA GLU C 165 -7.62 -23.24 -37.18
C GLU C 165 -8.24 -23.76 -35.89
N THR C 166 -7.42 -24.43 -35.09
CA THR C 166 -7.93 -25.10 -33.91
C THR C 166 -7.24 -24.60 -32.66
N GLY C 167 -7.85 -24.87 -31.52
CA GLY C 167 -7.34 -24.45 -30.23
C GLY C 167 -8.25 -23.48 -29.51
N ARG C 168 -9.03 -23.98 -28.56
CA ARG C 168 -10.11 -23.23 -27.95
C ARG C 168 -9.58 -22.18 -26.96
N VAL C 169 -10.00 -20.94 -27.17
CA VAL C 169 -9.49 -19.76 -26.45
C VAL C 169 -10.53 -19.29 -25.45
N SER C 170 -10.13 -18.33 -24.62
CA SER C 170 -11.01 -17.84 -23.57
C SER C 170 -10.55 -16.46 -23.15
N LEU C 171 -11.49 -15.71 -22.58
CA LEU C 171 -11.17 -14.42 -22.00
C LEU C 171 -12.08 -14.17 -20.81
N PHE C 172 -11.54 -13.49 -19.81
CA PHE C 172 -12.15 -13.47 -18.49
C PHE C 172 -11.78 -12.19 -17.76
N TRP C 173 -12.53 -11.93 -16.68
CA TRP C 173 -12.38 -10.74 -15.87
C TRP C 173 -12.22 -11.12 -14.40
N ASP C 174 -11.26 -10.50 -13.73
CA ASP C 174 -11.09 -10.68 -12.30
C ASP C 174 -11.38 -9.36 -11.61
N LYS C 175 -11.74 -9.43 -10.34
CA LYS C 175 -12.17 -8.23 -9.63
C LYS C 175 -11.01 -7.51 -8.95
N ASP C 176 -10.02 -8.23 -8.43
CA ASP C 176 -8.87 -7.57 -7.87
C ASP C 176 -7.82 -7.38 -8.97
N SER C 177 -6.61 -6.99 -8.58
CA SER C 177 -5.57 -6.79 -9.58
C SER C 177 -4.21 -7.26 -9.09
N GLN C 178 -4.17 -8.25 -8.21
CA GLN C 178 -2.92 -8.95 -7.98
C GLN C 178 -3.09 -10.46 -7.90
N ASP C 179 -4.17 -11.02 -8.44
CA ASP C 179 -4.23 -12.46 -8.54
C ASP C 179 -3.26 -12.93 -9.61
N PRO C 180 -2.39 -13.83 -9.32
CA PRO C 180 -1.21 -14.05 -10.16
C PRO C 180 -1.40 -14.94 -11.39
N LEU C 181 -2.50 -14.70 -12.15
CA LEU C 181 -2.65 -15.12 -13.54
C LEU C 181 -2.45 -16.60 -13.82
N PRO C 182 -3.50 -17.41 -13.69
CA PRO C 182 -3.36 -18.85 -13.43
C PRO C 182 -2.60 -19.62 -14.49
N VAL C 183 -2.06 -20.76 -14.09
CA VAL C 183 -1.21 -21.59 -14.94
C VAL C 183 -1.87 -22.92 -15.25
N ASP C 184 -2.56 -23.52 -14.28
CA ASP C 184 -3.32 -24.75 -14.53
C ASP C 184 -4.44 -24.51 -15.53
N ARG C 185 -4.73 -25.53 -16.32
CA ARG C 185 -5.81 -25.44 -17.29
C ARG C 185 -7.16 -25.35 -16.60
N ALA C 186 -7.31 -26.03 -15.46
CA ALA C 186 -8.60 -26.05 -14.78
C ALA C 186 -8.87 -24.74 -14.06
N ALA C 187 -7.82 -24.04 -13.64
CA ALA C 187 -8.00 -22.80 -12.91
C ALA C 187 -8.51 -21.69 -13.81
N LEU C 188 -8.33 -21.81 -15.12
CA LEU C 188 -8.86 -20.81 -16.03
C LEU C 188 -10.38 -20.88 -16.11
N SER C 189 -10.94 -22.07 -16.00
CA SER C 189 -12.35 -22.24 -16.33
C SER C 189 -13.28 -21.69 -15.27
N SER C 190 -12.80 -21.45 -14.06
CA SER C 190 -13.68 -21.20 -12.93
C SER C 190 -13.73 -19.74 -12.51
N TYR C 191 -13.42 -18.81 -13.40
CA TYR C 191 -13.68 -17.42 -13.09
C TYR C 191 -15.16 -17.12 -13.21
N GLY C 192 -15.60 -16.09 -12.47
CA GLY C 192 -17.01 -15.77 -12.41
C GLY C 192 -17.55 -15.16 -13.67
N HIS C 193 -16.69 -14.60 -14.52
CA HIS C 193 -17.11 -13.99 -15.77
C HIS C 193 -16.12 -14.41 -16.83
N SER C 194 -16.54 -15.29 -17.74
CA SER C 194 -15.63 -15.80 -18.75
C SER C 194 -16.45 -16.31 -19.93
N ASN C 195 -15.73 -16.67 -20.99
CA ASN C 195 -16.33 -17.38 -22.12
C ASN C 195 -15.32 -18.38 -22.66
N GLU C 196 -15.57 -19.66 -22.42
CA GLU C 196 -14.97 -20.69 -23.24
C GLU C 196 -15.44 -20.48 -24.67
N GLY C 197 -14.56 -20.70 -25.63
CA GLY C 197 -14.92 -20.55 -27.01
C GLY C 197 -13.92 -21.13 -27.98
N PRO C 198 -14.40 -21.57 -29.13
CA PRO C 198 -13.50 -22.00 -30.18
C PRO C 198 -12.85 -20.80 -30.84
N PRO C 199 -11.71 -20.97 -31.51
CA PRO C 199 -11.01 -19.81 -32.06
C PRO C 199 -11.61 -19.26 -33.33
N TRP C 200 -12.78 -19.70 -33.76
CA TRP C 200 -13.37 -19.21 -35.00
C TRP C 200 -14.77 -18.66 -34.82
N ALA C 201 -15.21 -18.40 -33.59
CA ALA C 201 -16.55 -17.87 -33.36
C ALA C 201 -16.47 -16.73 -32.37
N GLU C 202 -17.29 -15.71 -32.60
CA GLU C 202 -17.23 -14.52 -31.76
C GLU C 202 -17.84 -14.77 -30.39
N THR C 203 -17.21 -14.20 -29.36
CA THR C 203 -17.64 -14.34 -27.98
C THR C 203 -17.46 -13.00 -27.30
N THR C 204 -18.44 -12.60 -26.50
CA THR C 204 -18.39 -11.33 -25.79
C THR C 204 -18.64 -11.56 -24.32
N LEU C 205 -17.94 -10.83 -23.45
CA LEU C 205 -18.30 -10.79 -22.04
C LEU C 205 -18.62 -9.37 -21.62
N ASN C 206 -19.65 -9.23 -20.82
CA ASN C 206 -19.81 -8.00 -20.07
C ASN C 206 -18.97 -8.08 -18.81
N VAL C 207 -18.72 -6.93 -18.20
CA VAL C 207 -18.03 -6.88 -16.91
C VAL C 207 -18.77 -5.89 -16.03
N PRO C 208 -19.16 -6.29 -14.82
CA PRO C 208 -20.13 -5.50 -14.05
C PRO C 208 -19.53 -4.22 -13.49
N THR C 209 -20.35 -3.18 -13.45
CA THR C 209 -19.94 -1.87 -13.01
C THR C 209 -20.44 -1.61 -11.60
N ASP C 210 -19.98 -0.49 -11.03
CA ASP C 210 -20.33 -0.09 -9.69
C ASP C 210 -20.86 1.33 -9.70
N GLY C 211 -21.04 1.90 -8.52
CA GLY C 211 -21.34 3.31 -8.38
C GLY C 211 -20.18 4.02 -7.74
N LYS C 212 -19.20 3.25 -7.30
CA LYS C 212 -18.06 3.81 -6.58
C LYS C 212 -17.13 4.52 -7.55
N GLN C 213 -16.66 5.70 -7.15
CA GLN C 213 -15.70 6.43 -7.94
C GLN C 213 -14.29 6.13 -7.44
N ARG C 214 -13.37 5.98 -8.37
CA ARG C 214 -11.99 5.64 -8.07
C ARG C 214 -11.08 6.72 -8.65
N PHE C 215 -9.79 6.59 -8.43
CA PHE C 215 -8.82 7.58 -8.87
C PHE C 215 -8.10 7.13 -10.14
N VAL C 216 -7.51 8.09 -10.84
CA VAL C 216 -7.11 7.86 -12.22
C VAL C 216 -5.58 7.83 -12.30
N THR C 217 -4.93 7.40 -11.22
CA THR C 217 -3.54 6.92 -11.19
C THR C 217 -2.55 7.97 -11.70
N ASP C 218 -2.41 9.03 -10.93
CA ASP C 218 -1.43 10.05 -11.23
C ASP C 218 -0.16 9.93 -10.40
N SER C 219 -0.14 9.01 -9.44
CA SER C 219 1.02 8.89 -8.56
C SER C 219 1.51 7.46 -8.51
N ASN C 220 2.43 7.17 -7.59
CA ASN C 220 3.00 5.83 -7.52
C ASN C 220 1.97 4.81 -7.03
N THR C 221 1.27 5.14 -5.94
CA THR C 221 0.14 4.41 -5.32
C THR C 221 0.30 2.88 -5.31
N THR C 222 1.30 2.45 -4.52
CA THR C 222 1.88 1.11 -4.60
C THR C 222 0.87 -0.03 -4.35
N ASP C 223 -0.23 0.25 -3.67
CA ASP C 223 -1.28 -0.73 -3.47
C ASP C 223 -2.35 -0.61 -4.56
N ARG C 224 -1.90 -0.72 -5.80
CA ARG C 224 -2.70 -0.31 -6.96
C ARG C 224 -3.83 -1.31 -7.21
N LYS C 225 -4.75 -1.37 -6.27
CA LYS C 225 -5.78 -2.40 -6.22
C LYS C 225 -7.14 -1.86 -5.80
N LEU C 226 -7.18 -0.76 -5.06
CA LEU C 226 -8.43 -0.12 -4.67
C LEU C 226 -8.91 0.87 -5.71
N VAL C 227 -8.08 1.21 -6.67
CA VAL C 227 -8.39 2.24 -7.65
C VAL C 227 -8.65 1.64 -9.02
N ASP C 228 -8.98 0.36 -9.08
CA ASP C 228 -9.14 -0.32 -10.35
C ASP C 228 -10.46 -1.05 -10.39
N LEU C 229 -11.05 -1.09 -11.57
CA LEU C 229 -12.30 -1.83 -11.72
C LEU C 229 -12.04 -3.32 -11.75
N GLY C 230 -10.80 -3.74 -11.97
CA GLY C 230 -10.50 -5.15 -11.95
C GLY C 230 -9.24 -5.50 -12.70
N GLN C 231 -9.36 -6.47 -13.61
CA GLN C 231 -8.26 -6.89 -14.46
C GLN C 231 -8.84 -7.69 -15.60
N PHE C 232 -8.39 -7.41 -16.81
CA PHE C 232 -8.80 -8.15 -17.98
C PHE C 232 -7.66 -9.07 -18.42
N ALA C 233 -8.00 -10.21 -19.00
CA ALA C 233 -6.99 -11.14 -19.50
C ALA C 233 -7.62 -12.04 -20.54
N PHE C 234 -6.78 -12.82 -21.21
CA PHE C 234 -7.22 -13.83 -22.15
C PHE C 234 -6.11 -14.86 -22.26
N ALA C 235 -6.48 -16.07 -22.67
CA ALA C 235 -5.49 -17.13 -22.79
C ALA C 235 -5.93 -18.17 -23.79
N THR C 236 -4.96 -18.95 -24.28
CA THR C 236 -5.18 -20.07 -25.17
C THR C 236 -4.54 -21.30 -24.56
N TYR C 237 -5.11 -22.48 -24.81
CA TYR C 237 -4.51 -23.67 -24.20
C TYR C 237 -4.49 -24.87 -25.12
N ALA C 238 -4.60 -24.67 -26.43
CA ALA C 238 -4.47 -25.76 -27.36
C ALA C 238 -3.91 -25.19 -28.66
N GLY C 239 -4.07 -25.92 -29.75
CA GLY C 239 -3.59 -25.47 -31.04
C GLY C 239 -2.63 -26.50 -31.59
N GLY C 240 -2.40 -26.45 -32.89
CA GLY C 240 -2.91 -25.41 -33.77
C GLY C 240 -1.81 -24.92 -34.69
N SER C 241 -1.47 -23.65 -34.56
CA SER C 241 -0.40 -23.07 -35.35
C SER C 241 0.23 -21.97 -34.51
N ASN C 242 0.98 -21.09 -35.16
CA ASN C 242 1.58 -19.95 -34.50
C ASN C 242 1.20 -18.67 -35.23
N ASN C 243 -0.08 -18.54 -35.51
CA ASN C 243 -0.61 -17.41 -36.25
C ASN C 243 -1.46 -16.54 -35.35
N GLN C 244 -1.78 -15.34 -35.83
CA GLN C 244 -2.85 -14.56 -35.24
C GLN C 244 -4.18 -15.28 -35.44
N ILE C 245 -5.11 -15.05 -34.53
CA ILE C 245 -6.40 -15.72 -34.53
C ILE C 245 -7.53 -14.71 -34.60
N GLY C 246 -7.54 -13.75 -33.68
CA GLY C 246 -8.55 -12.73 -33.65
C GLY C 246 -8.00 -11.54 -32.90
N ASP C 247 -8.85 -10.54 -32.74
CA ASP C 247 -8.49 -9.35 -31.99
C ASP C 247 -9.64 -8.96 -31.11
N ILE C 248 -9.33 -8.37 -29.96
CA ILE C 248 -10.30 -8.07 -28.93
C ILE C 248 -10.65 -6.60 -29.00
N TYR C 249 -11.92 -6.31 -29.19
CA TYR C 249 -12.38 -4.93 -29.11
C TYR C 249 -12.96 -4.69 -27.72
N VAL C 250 -12.82 -3.46 -27.25
CA VAL C 250 -13.48 -3.02 -26.03
C VAL C 250 -14.27 -1.76 -26.34
N GLU C 251 -15.55 -1.78 -26.02
CA GLU C 251 -16.38 -0.59 -26.07
C GLU C 251 -16.82 -0.27 -24.66
N TYR C 252 -16.90 1.01 -24.35
CA TYR C 252 -16.98 1.41 -22.96
C TYR C 252 -17.55 2.80 -22.84
N GLY C 253 -18.25 3.05 -21.75
CA GLY C 253 -18.69 4.40 -21.42
C GLY C 253 -18.20 4.79 -20.05
N VAL C 254 -17.58 5.97 -19.92
CA VAL C 254 -16.96 6.36 -18.67
C VAL C 254 -17.60 7.65 -18.20
N GLU C 255 -17.26 8.05 -16.98
CA GLU C 255 -17.49 9.39 -16.51
C GLU C 255 -16.17 9.96 -16.02
N PHE C 256 -16.15 11.27 -15.85
CA PHE C 256 -15.04 11.92 -15.20
C PHE C 256 -15.57 13.04 -14.33
N SER C 257 -14.79 13.44 -13.35
CA SER C 257 -15.19 14.52 -12.46
C SER C 257 -13.95 15.19 -11.93
N GLU C 258 -14.14 16.42 -11.45
CA GLU C 258 -13.15 17.18 -10.69
C GLU C 258 -11.88 17.40 -11.50
N ALA C 259 -12.02 18.26 -12.51
CA ALA C 259 -10.96 18.59 -13.45
C ALA C 259 -9.70 19.10 -12.75
N GLN C 260 -8.60 19.02 -13.47
CA GLN C 260 -7.26 19.03 -12.88
C GLN C 260 -6.32 19.68 -13.87
N PRO C 261 -5.21 20.27 -13.43
CA PRO C 261 -4.13 20.55 -14.35
C PRO C 261 -3.54 19.24 -14.86
N ALA C 262 -3.04 19.29 -16.09
CA ALA C 262 -2.66 18.07 -16.80
C ALA C 262 -1.43 17.44 -16.16
N GLY C 263 -1.58 16.21 -15.70
CA GLY C 263 -0.46 15.49 -15.15
C GLY C 263 0.49 15.03 -16.22
N GLY C 264 1.59 14.45 -15.77
CA GLY C 264 2.60 13.98 -16.69
C GLY C 264 2.22 12.69 -17.37
N LEU C 265 2.89 12.43 -18.49
CA LEU C 265 2.77 11.17 -19.22
C LEU C 265 4.15 10.60 -19.45
N THR C 266 4.93 10.50 -18.38
CA THR C 266 6.32 10.10 -18.49
C THR C 266 6.67 9.17 -17.35
N GLN C 267 7.17 8.00 -17.66
CA GLN C 267 7.53 7.02 -16.66
C GLN C 267 8.99 7.20 -16.29
N TYR C 268 9.30 7.00 -15.02
CA TYR C 268 10.67 7.01 -14.53
C TYR C 268 10.88 5.80 -13.64
N ILE C 269 11.64 4.83 -14.11
CA ILE C 269 11.90 3.62 -13.35
C ILE C 269 13.37 3.60 -12.95
N THR C 270 13.64 2.98 -11.82
CA THR C 270 14.99 2.77 -11.34
C THR C 270 15.19 1.30 -11.02
N LYS C 271 16.46 0.88 -11.07
CA LYS C 271 16.81 -0.51 -10.86
C LYS C 271 18.28 -0.57 -10.47
N SER C 272 18.53 -1.13 -9.30
CA SER C 272 19.86 -1.58 -8.94
C SER C 272 19.71 -3.05 -8.56
N VAL C 273 20.76 -3.66 -8.01
CA VAL C 273 20.61 -5.05 -7.59
C VAL C 273 19.96 -5.08 -6.22
N GLY C 274 18.63 -5.04 -6.19
CA GLY C 274 17.89 -4.86 -4.96
C GLY C 274 16.44 -4.49 -5.16
N ALA C 275 16.00 -3.42 -4.49
CA ALA C 275 14.63 -2.90 -4.56
C ALA C 275 14.27 -2.52 -5.99
N THR C 276 13.14 -3.05 -6.46
CA THR C 276 13.05 -3.37 -7.87
C THR C 276 13.01 -2.30 -8.98
N ALA C 277 11.93 -1.53 -9.26
CA ALA C 277 10.79 -1.00 -8.52
C ALA C 277 11.00 0.01 -7.41
N SER C 278 11.58 1.14 -7.79
CA SER C 278 11.28 2.44 -7.19
C SER C 278 10.89 3.31 -8.37
N THR C 279 9.62 3.24 -8.78
CA THR C 279 9.18 3.81 -10.04
C THR C 279 8.16 4.92 -9.82
N THR C 280 7.78 5.57 -10.91
CA THR C 280 6.69 6.54 -10.91
C THR C 280 6.16 6.68 -12.33
N GLY C 281 5.04 7.37 -12.46
CA GLY C 281 4.47 7.65 -13.76
C GLY C 281 3.65 6.49 -14.30
N PRO C 282 3.09 6.64 -15.49
CA PRO C 282 2.29 5.56 -16.08
C PRO C 282 3.17 4.42 -16.54
N SER C 283 2.74 3.20 -16.24
CA SER C 283 3.57 2.02 -16.42
C SER C 283 3.59 1.62 -17.89
N TYR C 284 4.44 2.30 -18.66
CA TYR C 284 4.72 1.86 -20.02
C TYR C 284 5.52 0.58 -19.95
N VAL C 285 6.45 0.52 -19.01
CA VAL C 285 7.13 -0.72 -18.68
C VAL C 285 6.70 -1.13 -17.29
N VAL C 286 7.20 -2.27 -16.84
CA VAL C 286 6.96 -2.76 -15.50
C VAL C 286 8.28 -3.42 -15.14
N ASP C 287 8.40 -3.99 -13.95
CA ASP C 287 9.65 -4.62 -13.53
C ASP C 287 9.97 -5.85 -14.36
N ALA C 288 10.45 -5.63 -15.58
CA ALA C 288 10.99 -6.69 -16.41
C ALA C 288 12.19 -6.08 -17.13
N ASN C 289 13.34 -6.14 -16.47
CA ASN C 289 14.60 -5.65 -17.01
C ASN C 289 15.73 -6.27 -16.21
N ILE C 290 16.67 -6.89 -16.90
CA ILE C 290 17.62 -7.79 -16.26
C ILE C 290 18.96 -7.10 -16.15
N ASN C 291 19.53 -7.10 -14.94
CA ASN C 291 20.90 -6.66 -14.72
C ASN C 291 21.42 -7.30 -13.44
N VAL C 292 22.61 -7.88 -13.48
CA VAL C 292 23.18 -8.31 -12.21
C VAL C 292 24.59 -7.75 -11.98
N ASN C 293 25.60 -8.23 -12.71
CA ASN C 293 26.91 -7.60 -12.70
C ASN C 293 27.41 -7.57 -14.13
N ALA C 294 27.12 -8.65 -14.85
CA ALA C 294 27.76 -9.03 -16.09
C ALA C 294 27.23 -8.22 -17.26
N THR C 295 27.42 -8.73 -18.48
CA THR C 295 26.94 -8.08 -19.70
C THR C 295 25.41 -8.13 -19.69
N THR C 296 24.82 -7.26 -18.85
CA THR C 296 23.47 -7.41 -18.32
C THR C 296 22.90 -6.00 -18.12
N ALA C 297 22.24 -5.48 -19.15
CA ALA C 297 21.25 -4.41 -18.99
C ALA C 297 20.27 -4.57 -20.15
N ASN C 298 19.21 -5.32 -19.91
CA ASN C 298 18.29 -5.75 -20.94
C ASN C 298 16.96 -5.06 -20.73
N VAL C 299 16.47 -4.35 -21.73
CA VAL C 299 15.15 -3.72 -21.67
C VAL C 299 14.35 -4.24 -22.84
N GLU C 300 13.11 -4.65 -22.58
CA GLU C 300 12.19 -5.01 -23.64
C GLU C 300 10.79 -4.55 -23.28
N PHE C 301 10.06 -4.10 -24.29
CA PHE C 301 8.73 -3.57 -24.07
C PHE C 301 7.69 -4.63 -24.38
N PHE C 302 6.44 -4.31 -24.03
CA PHE C 302 5.33 -5.12 -24.49
C PHE C 302 4.24 -4.22 -25.03
N SER C 303 4.19 -2.99 -24.57
CA SER C 303 3.17 -2.07 -25.04
C SER C 303 3.53 -1.57 -26.43
N PRO C 304 2.60 -1.55 -27.36
CA PRO C 304 2.90 -1.07 -28.70
C PRO C 304 3.04 0.44 -28.71
N GLY C 305 3.59 0.93 -29.80
CA GLY C 305 3.72 2.35 -30.02
C GLY C 305 5.16 2.75 -30.21
N THR C 306 5.37 4.06 -30.22
CA THR C 306 6.67 4.64 -30.47
C THR C 306 7.03 5.63 -29.36
N PHE C 307 8.28 5.59 -28.93
CA PHE C 307 8.65 6.16 -27.65
C PHE C 307 9.94 6.96 -27.76
N LEU C 308 10.14 7.85 -26.79
CA LEU C 308 11.36 8.62 -26.62
C LEU C 308 11.97 8.19 -25.30
N ILE C 309 13.22 7.74 -25.33
CA ILE C 309 13.85 7.22 -24.12
C ILE C 309 15.10 8.03 -23.83
N THR C 310 15.58 7.91 -22.59
CA THR C 310 16.88 8.45 -22.20
C THR C 310 17.38 7.59 -21.06
N ALA C 311 18.58 7.04 -21.21
CA ALA C 311 19.14 6.11 -20.25
C ALA C 311 20.36 6.70 -19.57
N VAL C 312 20.65 6.18 -18.38
CA VAL C 312 21.83 6.57 -17.63
C VAL C 312 22.22 5.41 -16.71
N VAL C 313 23.48 4.96 -16.82
CA VAL C 313 23.94 3.81 -16.06
C VAL C 313 25.06 4.25 -15.13
N TYR C 314 25.58 3.32 -14.33
CA TYR C 314 26.71 3.58 -13.46
C TYR C 314 27.54 2.32 -13.32
N GLY C 315 28.80 2.50 -12.93
CA GLY C 315 29.64 1.37 -12.60
C GLY C 315 31.00 1.39 -13.28
N SER C 316 31.44 0.22 -13.75
CA SER C 316 32.69 0.10 -14.47
C SER C 316 32.50 0.46 -15.94
N THR C 317 33.45 0.07 -16.79
CA THR C 317 33.38 0.35 -18.22
C THR C 317 32.17 -0.33 -18.85
N ILE C 318 31.69 0.26 -19.94
CA ILE C 318 30.50 -0.24 -20.62
C ILE C 318 30.78 -0.44 -22.10
N ALA C 319 29.74 -0.77 -22.86
CA ALA C 319 29.80 -0.82 -24.31
C ALA C 319 28.59 -0.08 -24.87
N SER C 320 28.51 -0.04 -26.20
CA SER C 320 27.40 0.61 -26.86
C SER C 320 26.15 -0.26 -26.76
N PRO C 321 24.95 0.35 -26.74
CA PRO C 321 23.72 -0.46 -26.78
C PRO C 321 23.51 -1.07 -28.16
N SER C 322 23.41 -2.39 -28.20
CA SER C 322 23.24 -3.12 -29.46
C SER C 322 21.76 -3.46 -29.63
N MET C 323 21.02 -2.49 -30.15
CA MET C 323 19.59 -2.67 -30.32
C MET C 323 19.25 -3.61 -31.47
N ALA C 324 20.17 -3.78 -32.42
CA ALA C 324 19.92 -4.61 -33.59
C ALA C 324 19.80 -6.07 -33.21
N GLY C 325 18.93 -6.78 -33.91
CA GLY C 325 18.72 -8.19 -33.67
C GLY C 325 17.59 -8.52 -32.74
N GLY C 326 16.55 -7.73 -32.71
CA GLY C 326 15.43 -8.01 -31.84
C GLY C 326 14.21 -7.20 -32.21
N ASN C 327 13.31 -7.06 -31.24
CA ASN C 327 12.11 -6.28 -31.43
C ASN C 327 12.44 -4.80 -31.50
N GLY C 328 11.63 -4.05 -32.24
CA GLY C 328 11.74 -2.61 -32.26
C GLY C 328 12.80 -2.09 -33.19
N THR C 329 12.47 -1.08 -33.98
CA THR C 329 13.37 -0.56 -35.00
C THR C 329 13.75 0.89 -34.70
N LEU C 330 14.99 1.21 -35.03
CA LEU C 330 15.50 2.57 -34.91
C LEU C 330 14.74 3.53 -35.81
N ILE C 331 14.72 4.80 -35.43
CA ILE C 331 14.20 5.82 -36.33
C ILE C 331 15.10 7.05 -36.42
N GLY C 332 16.06 7.24 -35.53
CA GLY C 332 16.87 8.44 -35.55
C GLY C 332 18.36 8.21 -35.68
N ASP C 333 19.11 8.54 -34.65
CA ASP C 333 20.57 8.42 -34.65
C ASP C 333 21.10 7.70 -33.42
N LEU C 334 20.44 7.83 -32.27
CA LEU C 334 20.86 7.41 -30.93
C LEU C 334 22.30 7.85 -30.63
N PRO C 335 22.51 9.11 -30.27
CA PRO C 335 23.84 9.51 -29.81
C PRO C 335 24.17 8.83 -28.49
N VAL C 336 25.43 8.45 -28.35
CA VAL C 336 25.90 7.71 -27.18
C VAL C 336 27.26 8.27 -26.77
N VAL C 337 27.48 8.38 -25.47
CA VAL C 337 28.75 8.87 -24.95
C VAL C 337 28.95 8.24 -23.58
N GLY C 338 30.20 7.91 -23.27
CA GLY C 338 30.57 7.32 -22.00
C GLY C 338 31.46 6.13 -22.22
N GLY C 339 31.74 5.43 -21.12
CA GLY C 339 32.60 4.27 -21.20
C GLY C 339 33.68 4.21 -20.14
N SER C 340 33.58 5.09 -19.14
CA SER C 340 34.56 5.09 -18.06
C SER C 340 33.91 4.77 -16.71
N ASN C 341 32.93 5.55 -16.27
CA ASN C 341 32.31 5.30 -14.98
C ASN C 341 30.80 5.35 -15.11
N ALA C 342 30.31 6.10 -16.09
CA ALA C 342 28.89 6.21 -16.35
C ALA C 342 28.73 6.54 -17.82
N SER C 343 27.52 6.31 -18.35
CA SER C 343 27.27 6.64 -19.73
C SER C 343 25.81 6.97 -19.93
N ILE C 344 25.56 7.83 -20.91
CA ILE C 344 24.23 8.29 -21.27
C ILE C 344 23.98 7.84 -22.70
N TRP C 345 22.78 7.36 -22.97
CA TRP C 345 22.37 7.16 -24.36
C TRP C 345 20.88 7.35 -24.46
N THR C 346 20.47 8.28 -25.31
CA THR C 346 19.08 8.46 -25.64
C THR C 346 18.80 7.91 -27.03
N CYS C 347 17.53 7.73 -27.32
CA CYS C 347 17.09 7.18 -28.59
C CYS C 347 15.61 7.47 -28.75
N VAL C 348 15.09 7.08 -29.90
CA VAL C 348 13.67 7.17 -30.21
C VAL C 348 13.38 6.09 -31.24
N PHE C 349 12.29 5.36 -31.03
CA PHE C 349 12.08 4.13 -31.78
C PHE C 349 10.62 3.74 -31.67
N SER C 350 10.21 2.83 -32.56
CA SER C 350 8.88 2.25 -32.51
C SER C 350 9.04 0.75 -32.30
N THR C 351 8.02 0.14 -31.71
CA THR C 351 8.06 -1.28 -31.49
C THR C 351 6.67 -1.85 -31.65
N THR C 352 6.61 -3.15 -31.90
CA THR C 352 5.37 -3.85 -32.17
C THR C 352 5.36 -5.15 -31.37
N GLY C 353 4.52 -5.21 -30.35
CA GLY C 353 4.46 -6.34 -29.46
C GLY C 353 5.77 -6.40 -28.69
N VAL C 354 6.47 -7.53 -28.69
CA VAL C 354 6.02 -8.85 -29.09
C VAL C 354 6.84 -9.70 -28.15
N SER C 355 6.51 -10.97 -27.99
CA SER C 355 7.30 -11.76 -27.06
C SER C 355 8.32 -12.60 -27.81
N THR C 356 9.60 -12.35 -27.57
CA THR C 356 10.67 -13.10 -28.20
C THR C 356 11.94 -13.00 -27.37
N SER C 357 12.92 -13.83 -27.68
CA SER C 357 14.20 -13.78 -26.98
C SER C 357 15.05 -12.63 -27.53
N VAL C 358 16.30 -12.54 -27.06
CA VAL C 358 17.31 -11.51 -27.34
C VAL C 358 16.67 -10.12 -27.31
N PRO C 359 16.41 -9.59 -26.10
CA PRO C 359 15.51 -8.45 -25.95
C PRO C 359 16.07 -7.16 -26.53
N THR C 360 15.25 -6.11 -26.44
CA THR C 360 15.31 -4.99 -27.37
C THR C 360 16.50 -4.07 -27.19
N PHE C 361 17.30 -4.20 -26.15
CA PHE C 361 18.46 -3.30 -26.17
C PHE C 361 19.79 -3.96 -25.90
N THR C 362 19.86 -4.92 -24.99
CA THR C 362 21.05 -5.65 -24.51
C THR C 362 22.31 -4.77 -24.40
N GLN C 363 22.18 -3.72 -23.58
CA GLN C 363 23.35 -2.98 -23.12
C GLN C 363 24.23 -3.88 -22.27
N ALA C 364 25.47 -4.09 -22.71
CA ALA C 364 26.28 -5.10 -22.04
C ALA C 364 26.93 -4.58 -20.77
N GLY C 365 27.92 -3.70 -20.90
CA GLY C 365 28.68 -3.27 -19.74
C GLY C 365 29.61 -4.36 -19.20
N THR C 366 30.32 -4.00 -18.13
CA THR C 366 31.22 -4.93 -17.45
C THR C 366 30.83 -5.19 -16.02
N GLY C 367 30.70 -4.15 -15.20
CA GLY C 367 30.23 -4.30 -13.83
C GLY C 367 29.40 -3.10 -13.44
N LEU C 368 28.15 -3.31 -13.07
CA LEU C 368 27.17 -2.25 -13.01
C LEU C 368 26.65 -2.06 -11.60
N THR C 369 26.20 -0.85 -11.31
CA THR C 369 25.66 -0.51 -10.01
C THR C 369 24.19 -0.14 -10.08
N ARG C 370 23.84 0.88 -10.85
CA ARG C 370 22.46 1.29 -11.02
C ARG C 370 22.14 1.47 -12.49
N VAL C 371 20.85 1.53 -12.78
CA VAL C 371 20.37 1.91 -14.09
C VAL C 371 19.00 2.54 -13.89
N GLN C 372 18.69 3.55 -14.71
CA GLN C 372 17.41 4.21 -14.61
C GLN C 372 17.06 4.83 -15.94
N TYR C 373 15.79 4.74 -16.31
CA TYR C 373 15.32 5.13 -17.61
C TYR C 373 14.21 6.16 -17.47
N THR C 374 13.94 6.87 -18.55
CA THR C 374 12.74 7.68 -18.65
C THR C 374 12.11 7.44 -20.00
N ILE C 375 10.80 7.21 -20.00
CA ILE C 375 10.06 6.76 -21.16
C ILE C 375 8.95 7.78 -21.41
N THR C 376 8.77 8.17 -22.66
CA THR C 376 7.62 9.00 -22.99
C THR C 376 7.18 8.71 -24.41
N ARG C 377 5.88 8.85 -24.64
CA ARG C 377 5.27 8.52 -25.92
C ARG C 377 5.25 9.74 -26.81
N VAL C 378 5.64 9.56 -28.07
CA VAL C 378 5.87 10.66 -28.99
C VAL C 378 5.72 10.12 -30.41
N ASN C 379 5.40 10.99 -31.35
CA ASN C 379 5.16 10.56 -32.73
C ASN C 379 6.46 10.35 -33.48
N SER C 380 6.35 10.25 -34.81
CA SER C 380 7.49 9.92 -35.65
C SER C 380 8.48 11.06 -35.81
N GLN C 381 8.01 12.24 -36.23
CA GLN C 381 8.89 13.34 -36.61
C GLN C 381 9.39 14.08 -35.38
N THR C 382 10.14 13.36 -34.56
CA THR C 382 10.74 13.93 -33.37
C THR C 382 12.16 13.44 -33.17
N ALA C 383 12.69 12.68 -34.11
CA ALA C 383 13.97 12.01 -33.96
C ALA C 383 15.14 12.97 -34.04
N TYR C 384 16.34 12.41 -33.98
CA TYR C 384 17.56 13.20 -34.02
C TYR C 384 17.99 13.44 -35.45
N GLN C 385 19.25 13.83 -35.67
CA GLN C 385 19.61 14.66 -36.82
C GLN C 385 19.47 13.95 -38.16
N VAL C 386 18.23 13.84 -38.60
CA VAL C 386 17.89 13.56 -39.99
C VAL C 386 17.55 14.89 -40.67
#